data_4KNC
#
_entry.id   4KNC
#
_cell.length_a   123.697
_cell.length_b   82.435
_cell.length_c   92.678
_cell.angle_alpha   90.00
_cell.angle_beta   90.00
_cell.angle_gamma   90.00
#
_symmetry.space_group_name_H-M   'P 21 21 2'
#
loop_
_entity.id
_entity.type
_entity.pdbx_description
1 polymer 'Alginate biosynthesis protein AlgX'
2 water water
#
_entity_poly.entity_id   1
_entity_poly.type   'polypeptide(L)'
_entity_poly.pdbx_seq_one_letter_code
;ADPGAAPSYQALPAGNLCPAAAYDSRYNTKYLGFFTHLVQAQDDWLFRTTYDLRTDFGTSAEGWRELRALRDELKRKGIE
LVVVYQPTRGLVNREKLSPAEKAGFDYELAKKNYLATIARFRQAGIWTPDFSPLFDEKEEHAYYFKGDHHWTPHGARRSA
KIVAETLKQVPGFEEIPKKQFESKRVGLLSKLGTFHKAAAQLCGNSYATQYVDRFETEPVGASDSGDLFGDGGNPQIALV
GTSNSGPAYNFAGFLEEFSGADILNNAVSGGGFDSSLLAYMTSEEFHKNPPKILIWEFATHYDMAQKSFYRQAMPLVDNG
CSGRKTVLSRKVKLRQGRNEVLLNSAALPIRSGSYVADVTYSDPSVHELKNTIWYMNGRREQLKIEQSKAVDTGGRYVFQ
LRNDSDWADQQFLSLEIEAPEDMPQGLEVQASICQAAPAKASQSVAGRLEHHHHHH
;
_entity_poly.pdbx_strand_id   B,A
#
# COMPACT_ATOMS: atom_id res chain seq x y z
N ASN A 16 -8.78 -21.02 -13.76
CA ASN A 16 -7.51 -20.34 -14.04
C ASN A 16 -6.86 -19.82 -12.76
N LEU A 17 -7.70 -19.52 -11.76
CA LEU A 17 -7.21 -19.11 -10.44
C LEU A 17 -6.53 -20.27 -9.72
N CYS A 18 -5.55 -19.93 -8.89
CA CYS A 18 -4.89 -20.96 -8.09
C CYS A 18 -5.82 -21.40 -6.96
N PRO A 19 -5.71 -22.66 -6.51
CA PRO A 19 -6.56 -23.23 -5.44
C PRO A 19 -6.62 -22.38 -4.18
N ALA A 20 -5.52 -21.73 -3.81
CA ALA A 20 -5.45 -20.94 -2.59
C ALA A 20 -6.47 -19.83 -2.58
N ALA A 21 -6.84 -19.38 -3.78
CA ALA A 21 -7.78 -18.27 -3.95
C ALA A 21 -9.17 -18.61 -3.45
N ALA A 22 -9.46 -19.90 -3.26
CA ALA A 22 -10.83 -20.27 -2.88
C ALA A 22 -11.14 -20.17 -1.37
N TYR A 23 -10.17 -19.79 -0.54
CA TYR A 23 -10.36 -19.85 0.92
C TYR A 23 -10.41 -18.48 1.56
N ASP A 24 -11.51 -18.19 2.25
CA ASP A 24 -11.70 -16.86 2.85
C ASP A 24 -10.57 -16.50 3.80
N SER A 25 -10.02 -17.49 4.48
CA SER A 25 -8.95 -17.22 5.44
C SER A 25 -7.65 -16.80 4.76
N ARG A 26 -7.53 -17.04 3.47
CA ARG A 26 -6.36 -16.60 2.72
C ARG A 26 -6.36 -15.08 2.51
N TYR A 27 -7.53 -14.45 2.67
CA TYR A 27 -7.69 -13.01 2.46
C TYR A 27 -7.62 -12.26 3.78
N ASN A 28 -6.54 -12.48 4.52
CA ASN A 28 -6.47 -12.03 5.91
C ASN A 28 -5.80 -10.67 6.13
N THR A 29 -5.60 -9.91 5.06
CA THR A 29 -4.88 -8.65 5.16
C THR A 29 -5.69 -7.46 4.67
N LYS A 30 -5.08 -6.28 4.74
CA LYS A 30 -5.77 -5.05 4.41
C LYS A 30 -6.15 -5.03 2.93
N TYR A 31 -5.13 -5.08 2.07
CA TYR A 31 -5.31 -5.14 0.63
C TYR A 31 -6.31 -6.26 0.25
N LEU A 32 -6.07 -7.45 0.79
CA LEU A 32 -6.82 -8.64 0.37
C LEU A 32 -8.28 -8.71 0.83
N GLY A 33 -8.61 -8.05 1.93
CA GLY A 33 -9.94 -8.14 2.53
C GLY A 33 -11.07 -7.58 1.67
N PHE A 34 -10.71 -6.77 0.68
CA PHE A 34 -11.67 -6.20 -0.25
C PHE A 34 -12.07 -7.17 -1.36
N PHE A 35 -11.47 -8.36 -1.39
CA PHE A 35 -11.70 -9.29 -2.50
C PHE A 35 -12.26 -10.66 -2.08
N THR A 36 -12.54 -10.83 -0.79
CA THR A 36 -12.90 -12.12 -0.21
C THR A 36 -14.20 -12.75 -0.74
N HIS A 37 -14.13 -13.96 -1.31
CA HIS A 37 -12.92 -14.51 -1.91
C HIS A 37 -13.20 -14.57 -3.42
N LEU A 38 -12.15 -14.66 -4.24
CA LEU A 38 -12.31 -14.52 -5.69
C LEU A 38 -12.66 -15.85 -6.35
N VAL A 39 -13.63 -15.81 -7.26
CA VAL A 39 -13.97 -16.96 -8.09
C VAL A 39 -13.91 -16.58 -9.58
N GLN A 40 -13.50 -17.54 -10.39
CA GLN A 40 -13.27 -17.35 -11.82
C GLN A 40 -14.55 -17.63 -12.55
N ALA A 41 -15.10 -16.62 -13.22
CA ALA A 41 -16.32 -16.83 -13.98
C ALA A 41 -15.99 -16.97 -15.46
N GLN A 42 -16.95 -16.67 -16.32
CA GLN A 42 -16.72 -16.83 -17.76
C GLN A 42 -15.71 -15.80 -18.24
N ASP A 43 -14.90 -16.19 -19.23
CA ASP A 43 -13.89 -15.29 -19.78
C ASP A 43 -12.96 -14.87 -18.65
N ASP A 44 -12.61 -13.59 -18.59
CA ASP A 44 -11.77 -13.07 -17.52
C ASP A 44 -12.62 -12.45 -16.40
N TRP A 45 -13.90 -12.81 -16.33
CA TRP A 45 -14.73 -12.35 -15.22
C TRP A 45 -14.30 -12.99 -13.90
N LEU A 46 -14.11 -12.16 -12.89
CA LEU A 46 -13.93 -12.63 -11.52
C LEU A 46 -15.07 -12.06 -10.67
N PHE A 47 -15.50 -12.80 -9.65
CA PHE A 47 -16.45 -12.26 -8.70
C PHE A 47 -15.93 -12.48 -7.29
N ARG A 48 -16.29 -11.57 -6.38
CA ARG A 48 -16.03 -11.76 -4.96
C ARG A 48 -17.26 -12.37 -4.32
N THR A 49 -17.10 -13.44 -3.55
CA THR A 49 -18.23 -14.14 -2.98
C THR A 49 -18.98 -13.29 -1.95
N THR A 50 -18.25 -12.60 -1.08
CA THR A 50 -18.87 -11.88 0.03
C THR A 50 -19.38 -10.51 -0.39
N TYR A 51 -18.76 -9.91 -1.40
CA TYR A 51 -19.21 -8.59 -1.85
C TYR A 51 -20.20 -8.70 -2.99
N ASP A 52 -19.92 -9.56 -3.97
CA ASP A 52 -20.67 -9.56 -5.22
C ASP A 52 -21.81 -10.55 -5.20
N LEU A 53 -21.62 -11.64 -4.46
CA LEU A 53 -22.59 -12.73 -4.47
C LEU A 53 -23.33 -12.81 -3.16
N ARG A 54 -23.36 -11.70 -2.45
CA ARG A 54 -24.01 -11.67 -1.15
C ARG A 54 -25.52 -11.69 -1.34
N THR A 55 -26.24 -12.15 -0.31
CA THR A 55 -27.70 -12.12 -0.29
C THR A 55 -28.23 -11.23 0.81
N ASP A 56 -27.35 -10.69 1.65
CA ASP A 56 -27.78 -9.87 2.78
C ASP A 56 -27.61 -8.38 2.46
N PHE A 57 -28.65 -7.58 2.72
CA PHE A 57 -28.60 -6.15 2.42
C PHE A 57 -29.24 -5.34 3.54
N GLY A 58 -28.95 -4.04 3.62
CA GLY A 58 -29.57 -3.18 4.61
C GLY A 58 -28.72 -2.90 5.84
N THR A 59 -29.39 -2.59 6.94
CA THR A 59 -28.71 -2.24 8.18
C THR A 59 -29.61 -2.54 9.38
N SER A 60 -29.12 -2.24 10.57
CA SER A 60 -29.87 -2.47 11.82
C SER A 60 -31.00 -1.46 11.99
N ALA A 61 -31.88 -1.73 12.95
CA ALA A 61 -32.99 -0.84 13.26
C ALA A 61 -32.49 0.55 13.62
N GLU A 62 -31.40 0.57 14.39
CA GLU A 62 -30.72 1.81 14.72
C GLU A 62 -30.25 2.56 13.45
N GLY A 63 -29.73 1.83 12.48
CA GLY A 63 -29.32 2.42 11.22
C GLY A 63 -30.47 3.09 10.51
N TRP A 64 -31.61 2.40 10.46
CA TRP A 64 -32.80 2.98 9.81
C TRP A 64 -33.30 4.22 10.53
N ARG A 65 -33.24 4.22 11.86
CA ARG A 65 -33.58 5.42 12.62
C ARG A 65 -32.62 6.58 12.34
N GLU A 66 -31.34 6.29 12.27
CA GLU A 66 -30.35 7.34 12.00
C GLU A 66 -30.55 7.91 10.59
N LEU A 67 -30.86 7.04 9.64
CA LEU A 67 -31.08 7.49 8.27
C LEU A 67 -32.30 8.39 8.21
N ARG A 68 -33.39 7.99 8.85
CA ARG A 68 -34.59 8.83 8.89
C ARG A 68 -34.35 10.18 9.57
N ALA A 69 -33.63 10.16 10.69
CA ALA A 69 -33.30 11.39 11.40
C ALA A 69 -32.49 12.35 10.52
N LEU A 70 -31.49 11.81 9.83
CA LEU A 70 -30.68 12.63 8.94
C LEU A 70 -31.52 13.21 7.80
N ARG A 71 -32.33 12.36 7.18
CA ARG A 71 -33.23 12.82 6.12
C ARG A 71 -34.10 13.97 6.61
N ASP A 72 -34.61 13.85 7.85
CA ASP A 72 -35.50 14.88 8.38
C ASP A 72 -34.77 16.18 8.62
N GLU A 73 -33.60 16.09 9.25
CA GLU A 73 -32.78 17.28 9.42
C GLU A 73 -32.53 17.98 8.08
N LEU A 74 -32.15 17.22 7.05
CA LEU A 74 -31.96 17.80 5.72
C LEU A 74 -33.23 18.46 5.18
N LYS A 75 -34.35 17.76 5.30
CA LYS A 75 -35.67 18.28 4.87
C LYS A 75 -36.04 19.60 5.55
N ARG A 76 -35.72 19.74 6.82
CA ARG A 76 -35.98 20.98 7.54
C ARG A 76 -35.25 22.15 6.90
N LYS A 77 -34.10 21.86 6.30
CA LYS A 77 -33.27 22.90 5.69
C LYS A 77 -33.67 23.15 4.23
N GLY A 78 -34.72 22.47 3.78
CA GLY A 78 -35.18 22.57 2.39
C GLY A 78 -34.42 21.68 1.40
N ILE A 79 -33.89 20.56 1.89
CA ILE A 79 -33.12 19.64 1.04
C ILE A 79 -33.79 18.26 0.95
N GLU A 80 -34.09 17.82 -0.27
CA GLU A 80 -34.63 16.49 -0.49
C GLU A 80 -33.46 15.53 -0.71
N LEU A 81 -33.55 14.32 -0.16
CA LEU A 81 -32.46 13.36 -0.28
C LEU A 81 -32.78 12.22 -1.26
N VAL A 82 -31.87 11.99 -2.20
CA VAL A 82 -31.94 10.85 -3.10
C VAL A 82 -30.76 9.92 -2.81
N VAL A 83 -31.04 8.64 -2.54
CA VAL A 83 -29.93 7.69 -2.35
C VAL A 83 -29.77 6.76 -3.56
N VAL A 84 -28.55 6.71 -4.09
CA VAL A 84 -28.22 5.78 -5.13
C VAL A 84 -27.50 4.60 -4.50
N TYR A 85 -28.23 3.50 -4.35
CA TYR A 85 -27.73 2.31 -3.66
C TYR A 85 -27.23 1.36 -4.75
N GLN A 86 -25.94 1.48 -5.07
CA GLN A 86 -25.38 0.78 -6.23
C GLN A 86 -25.56 -0.75 -6.07
N PRO A 87 -26.18 -1.39 -7.06
CA PRO A 87 -26.46 -2.83 -6.92
C PRO A 87 -25.20 -3.69 -7.11
N THR A 88 -25.26 -4.94 -6.69
CA THR A 88 -24.06 -5.78 -6.72
C THR A 88 -23.73 -6.27 -8.14
N ARG A 89 -22.48 -6.66 -8.33
CA ARG A 89 -22.04 -7.22 -9.60
C ARG A 89 -22.79 -8.52 -9.84
N GLY A 90 -23.11 -9.22 -8.76
CA GLY A 90 -23.83 -10.48 -8.88
C GLY A 90 -25.26 -10.25 -9.37
N LEU A 91 -25.94 -9.23 -8.83
CA LEU A 91 -27.31 -8.96 -9.25
C LEU A 91 -27.37 -8.50 -10.70
N VAL A 92 -26.40 -7.71 -11.14
CA VAL A 92 -26.50 -7.17 -12.49
C VAL A 92 -25.90 -8.12 -13.52
N ASN A 93 -24.72 -8.63 -13.23
CA ASN A 93 -23.99 -9.45 -14.17
C ASN A 93 -23.99 -10.94 -13.79
N ARG A 94 -25.05 -11.36 -13.12
CA ARG A 94 -25.34 -12.78 -12.91
C ARG A 94 -24.92 -13.69 -14.08
N GLU A 95 -25.30 -13.34 -15.30
CA GLU A 95 -25.10 -14.22 -16.45
C GLU A 95 -23.64 -14.48 -16.82
N LYS A 96 -22.71 -13.70 -16.27
CA LYS A 96 -21.29 -13.91 -16.54
C LYS A 96 -20.70 -15.03 -15.66
N LEU A 97 -21.50 -15.49 -14.68
CA LEU A 97 -21.09 -16.58 -13.80
C LEU A 97 -20.93 -17.91 -14.54
N SER A 98 -20.11 -18.79 -13.99
CA SER A 98 -20.03 -20.16 -14.47
C SER A 98 -21.33 -20.86 -14.07
N PRO A 99 -21.68 -21.94 -14.79
CA PRO A 99 -22.96 -22.59 -14.49
C PRO A 99 -23.02 -23.10 -13.06
N ALA A 100 -21.91 -23.64 -12.57
CA ALA A 100 -21.77 -24.00 -11.17
C ALA A 100 -22.04 -22.82 -10.23
N GLU A 101 -21.34 -21.71 -10.45
CA GLU A 101 -21.51 -20.52 -9.62
C GLU A 101 -22.90 -19.91 -9.72
N LYS A 102 -23.44 -19.87 -10.93
CA LYS A 102 -24.80 -19.40 -11.10
C LYS A 102 -25.76 -20.26 -10.29
N ALA A 103 -25.52 -21.57 -10.31
CA ALA A 103 -26.39 -22.48 -9.57
C ALA A 103 -26.25 -22.24 -8.07
N GLY A 104 -25.03 -21.94 -7.63
CA GLY A 104 -24.74 -21.68 -6.22
C GLY A 104 -25.17 -20.32 -5.68
N PHE A 105 -25.37 -19.33 -6.56
CA PHE A 105 -25.71 -17.98 -6.13
C PHE A 105 -27.22 -17.80 -6.03
N ASP A 106 -27.73 -17.69 -4.81
CA ASP A 106 -29.18 -17.51 -4.59
C ASP A 106 -29.64 -16.13 -5.09
N TYR A 107 -29.67 -15.97 -6.40
CA TYR A 107 -30.04 -14.70 -7.03
C TYR A 107 -31.39 -14.13 -6.59
N GLU A 108 -32.41 -14.99 -6.50
CA GLU A 108 -33.74 -14.50 -6.16
C GLU A 108 -33.76 -13.98 -4.73
N LEU A 109 -33.02 -14.65 -3.84
CA LEU A 109 -32.97 -14.22 -2.45
C LEU A 109 -32.27 -12.87 -2.33
N ALA A 110 -31.16 -12.72 -3.05
CA ALA A 110 -30.41 -11.47 -3.07
C ALA A 110 -31.29 -10.32 -3.58
N LYS A 111 -31.97 -10.56 -4.70
CA LYS A 111 -32.82 -9.53 -5.32
C LYS A 111 -33.97 -9.11 -4.40
N LYS A 112 -34.58 -10.11 -3.77
CA LYS A 112 -35.67 -9.88 -2.83
C LYS A 112 -35.18 -9.02 -1.66
N ASN A 113 -34.04 -9.40 -1.08
CA ASN A 113 -33.51 -8.63 0.04
C ASN A 113 -33.09 -7.21 -0.32
N TYR A 114 -32.47 -7.06 -1.50
CA TYR A 114 -32.14 -5.76 -2.04
C TYR A 114 -33.41 -4.88 -2.17
N LEU A 115 -34.44 -5.42 -2.82
CA LEU A 115 -35.67 -4.64 -3.04
C LEU A 115 -36.33 -4.22 -1.72
N ALA A 116 -36.32 -5.14 -0.75
CA ALA A 116 -36.80 -4.83 0.59
C ALA A 116 -36.03 -3.64 1.20
N THR A 117 -34.71 -3.62 0.98
CA THR A 117 -33.87 -2.52 1.48
C THR A 117 -34.21 -1.19 0.82
N ILE A 118 -34.38 -1.20 -0.50
CA ILE A 118 -34.89 -0.05 -1.24
C ILE A 118 -36.19 0.50 -0.62
N ALA A 119 -37.11 -0.42 -0.30
CA ALA A 119 -38.37 -0.04 0.34
C ALA A 119 -38.12 0.62 1.70
N ARG A 120 -37.15 0.10 2.45
CA ARG A 120 -36.84 0.73 3.74
C ARG A 120 -36.25 2.14 3.60
N PHE A 121 -35.39 2.33 2.60
CA PHE A 121 -34.96 3.68 2.26
C PHE A 121 -36.17 4.59 2.03
N ARG A 122 -37.12 4.13 1.22
CA ARG A 122 -38.34 4.95 0.98
C ARG A 122 -39.11 5.25 2.26
N GLN A 123 -39.20 4.25 3.12
CA GLN A 123 -39.93 4.40 4.37
C GLN A 123 -39.24 5.43 5.26
N ALA A 124 -37.94 5.59 5.10
CA ALA A 124 -37.23 6.63 5.85
C ALA A 124 -37.42 8.05 5.25
N GLY A 125 -38.22 8.15 4.19
CA GLY A 125 -38.49 9.45 3.56
C GLY A 125 -37.42 9.82 2.54
N ILE A 126 -36.76 8.80 1.99
CA ILE A 126 -35.67 9.01 1.05
C ILE A 126 -36.09 8.57 -0.35
N TRP A 127 -35.88 9.44 -1.33
CA TRP A 127 -36.17 9.12 -2.71
C TRP A 127 -35.12 8.14 -3.19
N THR A 128 -35.56 6.99 -3.68
CA THR A 128 -34.61 5.92 -3.97
C THR A 128 -34.83 5.21 -5.31
N PRO A 129 -34.02 5.53 -6.32
CA PRO A 129 -34.19 4.88 -7.62
C PRO A 129 -34.10 3.36 -7.50
N ASP A 130 -34.93 2.69 -8.28
CA ASP A 130 -34.97 1.23 -8.29
C ASP A 130 -34.23 0.72 -9.51
N PHE A 131 -33.10 0.07 -9.29
CA PHE A 131 -32.25 -0.42 -10.39
C PHE A 131 -32.59 -1.84 -10.81
N SER A 132 -33.59 -2.44 -10.18
CA SER A 132 -33.92 -3.83 -10.51
C SER A 132 -34.21 -4.12 -11.99
N PRO A 133 -34.75 -3.14 -12.76
CA PRO A 133 -34.86 -3.49 -14.19
C PRO A 133 -33.52 -3.77 -14.87
N LEU A 134 -32.40 -3.36 -14.24
CA LEU A 134 -31.09 -3.60 -14.83
C LEU A 134 -30.49 -4.94 -14.42
N PHE A 135 -31.16 -5.67 -13.53
CA PHE A 135 -30.61 -6.91 -13.00
C PHE A 135 -30.60 -8.03 -14.03
N ASP A 136 -29.70 -8.99 -13.84
CA ASP A 136 -29.59 -10.15 -14.72
C ASP A 136 -29.52 -9.70 -16.18
N GLU A 137 -28.77 -8.65 -16.45
CA GLU A 137 -28.81 -7.99 -17.75
C GLU A 137 -28.26 -8.88 -18.85
N LYS A 138 -28.71 -8.63 -20.08
CA LYS A 138 -28.00 -9.08 -21.27
C LYS A 138 -27.75 -7.88 -22.16
N GLU A 139 -26.52 -7.39 -22.12
CA GLU A 139 -26.13 -6.16 -22.81
C GLU A 139 -24.81 -6.42 -23.49
N GLU A 140 -24.56 -5.71 -24.58
CA GLU A 140 -23.28 -5.84 -25.25
C GLU A 140 -22.17 -5.14 -24.46
N HIS A 141 -22.49 -3.98 -23.93
CA HIS A 141 -21.58 -3.26 -23.05
C HIS A 141 -21.91 -3.55 -21.60
N ALA A 142 -21.16 -4.47 -21.00
CA ALA A 142 -21.42 -4.93 -19.64
C ALA A 142 -21.50 -3.77 -18.65
N TYR A 143 -22.44 -3.87 -17.71
CA TYR A 143 -22.62 -2.83 -16.69
C TYR A 143 -21.30 -2.63 -15.89
N TYR A 144 -20.70 -3.73 -15.47
CA TYR A 144 -19.46 -3.71 -14.67
C TYR A 144 -18.20 -4.10 -15.43
N PHE A 145 -17.05 -3.56 -15.01
CA PHE A 145 -15.77 -4.09 -15.49
C PHE A 145 -15.65 -5.57 -15.11
N LYS A 146 -14.94 -6.32 -15.94
CA LYS A 146 -14.68 -7.76 -15.75
C LYS A 146 -14.05 -8.13 -14.42
N GLY A 147 -13.08 -7.33 -13.99
CA GLY A 147 -12.29 -7.66 -12.82
C GLY A 147 -12.09 -6.46 -11.92
N ASP A 148 -13.14 -5.64 -11.80
CA ASP A 148 -13.05 -4.41 -11.00
C ASP A 148 -14.40 -4.14 -10.33
N HIS A 149 -14.38 -3.29 -9.30
CA HIS A 149 -15.58 -2.96 -8.55
C HIS A 149 -16.34 -1.73 -9.10
N HIS A 150 -15.75 -1.03 -10.06
CA HIS A 150 -16.43 0.12 -10.68
C HIS A 150 -17.35 -0.33 -11.80
N TRP A 151 -18.45 0.39 -11.98
CA TRP A 151 -19.24 0.23 -13.20
C TRP A 151 -18.43 0.79 -14.36
N THR A 152 -18.71 0.32 -15.58
CA THR A 152 -18.19 0.97 -16.77
C THR A 152 -19.00 2.25 -16.98
N PRO A 153 -18.52 3.16 -17.85
CA PRO A 153 -19.36 4.29 -18.23
C PRO A 153 -20.76 3.89 -18.72
N HIS A 154 -20.89 2.82 -19.50
CA HIS A 154 -22.21 2.34 -19.91
C HIS A 154 -23.12 1.97 -18.73
N GLY A 155 -22.55 1.29 -17.72
CA GLY A 155 -23.27 0.98 -16.50
C GLY A 155 -23.75 2.24 -15.79
N ALA A 156 -22.84 3.22 -15.67
CA ALA A 156 -23.17 4.49 -15.05
C ALA A 156 -24.28 5.22 -15.83
N ARG A 157 -24.27 5.06 -17.15
CA ARG A 157 -25.24 5.72 -18.02
C ARG A 157 -26.64 5.13 -17.83
N ARG A 158 -26.73 3.81 -17.89
CA ARG A 158 -28.01 3.13 -17.68
C ARG A 158 -28.53 3.41 -16.28
N SER A 159 -27.63 3.55 -15.32
CA SER A 159 -28.06 3.88 -13.97
C SER A 159 -28.60 5.31 -13.89
N ALA A 160 -27.89 6.22 -14.54
CA ALA A 160 -28.27 7.62 -14.48
C ALA A 160 -29.62 7.89 -15.18
N LYS A 161 -29.96 7.09 -16.18
CA LYS A 161 -31.28 7.21 -16.81
C LYS A 161 -32.43 6.99 -15.78
N ILE A 162 -32.30 5.92 -15.00
CA ILE A 162 -33.26 5.63 -13.94
C ILE A 162 -33.25 6.71 -12.83
N VAL A 163 -32.05 7.09 -12.38
CA VAL A 163 -31.98 8.12 -11.33
C VAL A 163 -32.68 9.42 -11.78
N ALA A 164 -32.42 9.80 -13.04
CA ALA A 164 -33.02 10.98 -13.64
C ALA A 164 -34.55 10.89 -13.56
N GLU A 165 -35.09 9.71 -13.86
CA GLU A 165 -36.53 9.57 -13.70
C GLU A 165 -36.97 9.84 -12.25
N THR A 166 -36.23 9.33 -11.26
CA THR A 166 -36.57 9.71 -9.87
C THR A 166 -36.46 11.23 -9.60
N LEU A 167 -35.40 11.86 -10.09
CA LEU A 167 -35.20 13.30 -9.88
C LEU A 167 -36.40 14.11 -10.34
N LYS A 168 -36.93 13.72 -11.50
CA LYS A 168 -38.11 14.41 -12.02
C LYS A 168 -39.33 14.36 -11.10
N GLN A 169 -39.40 13.38 -10.20
CA GLN A 169 -40.52 13.26 -9.25
C GLN A 169 -40.34 14.12 -8.00
N VAL A 170 -39.12 14.59 -7.78
CA VAL A 170 -38.80 15.27 -6.53
C VAL A 170 -39.45 16.64 -6.43
N PRO A 171 -40.17 16.91 -5.32
CA PRO A 171 -40.86 18.21 -5.16
C PRO A 171 -39.90 19.39 -5.37
N GLY A 172 -40.30 20.33 -6.22
CA GLY A 172 -39.43 21.45 -6.56
C GLY A 172 -38.61 21.29 -7.84
N PHE A 173 -38.50 20.07 -8.38
CA PHE A 173 -37.68 19.81 -9.57
C PHE A 173 -38.05 20.72 -10.75
N GLU A 174 -39.32 21.12 -10.84
CA GLU A 174 -39.76 21.89 -12.00
C GLU A 174 -39.19 23.30 -12.02
N GLU A 175 -38.87 23.84 -10.84
CA GLU A 175 -38.34 25.20 -10.74
C GLU A 175 -36.83 25.25 -10.98
N ILE A 176 -36.20 24.08 -10.87
CA ILE A 176 -34.76 23.99 -11.11
C ILE A 176 -34.47 24.45 -12.54
N PRO A 177 -33.40 25.25 -12.73
CA PRO A 177 -32.99 25.70 -14.07
C PRO A 177 -32.78 24.52 -14.99
N LYS A 178 -33.29 24.60 -16.21
CA LYS A 178 -33.16 23.53 -17.18
C LYS A 178 -32.20 23.92 -18.30
N LYS A 179 -31.40 22.97 -18.76
CA LYS A 179 -30.46 23.18 -19.87
C LYS A 179 -30.45 21.93 -20.72
N GLN A 180 -29.86 22.02 -21.91
CA GLN A 180 -29.68 20.84 -22.73
C GLN A 180 -28.24 20.37 -22.62
N PHE A 181 -28.05 19.10 -22.34
CA PHE A 181 -26.71 18.54 -22.34
C PHE A 181 -26.56 17.47 -23.40
N GLU A 182 -25.34 17.35 -23.93
CA GLU A 182 -25.02 16.26 -24.84
C GLU A 182 -23.75 15.55 -24.38
N SER A 183 -23.79 14.22 -24.42
CA SER A 183 -22.63 13.41 -24.09
C SER A 183 -21.97 12.86 -25.34
N LYS A 184 -20.64 13.00 -25.41
CA LYS A 184 -19.85 12.50 -26.51
C LYS A 184 -18.78 11.57 -26.00
N ARG A 185 -18.47 10.54 -26.79
CA ARG A 185 -17.29 9.72 -26.49
C ARG A 185 -16.05 10.50 -26.84
N VAL A 186 -15.16 10.68 -25.88
CA VAL A 186 -14.01 11.56 -26.10
C VAL A 186 -12.69 10.82 -26.10
N GLY A 187 -12.75 9.50 -25.92
CA GLY A 187 -11.54 8.70 -25.83
C GLY A 187 -11.85 7.31 -25.33
N LEU A 188 -10.80 6.55 -25.02
CA LEU A 188 -10.99 5.25 -24.43
C LEU A 188 -10.53 5.29 -22.97
N LEU A 189 -11.20 4.52 -22.12
CA LEU A 189 -10.85 4.46 -20.71
C LEU A 189 -10.17 3.12 -20.46
N SER A 190 -8.93 3.15 -19.97
CA SER A 190 -8.22 1.92 -19.71
C SER A 190 -8.38 1.51 -18.25
N LYS A 191 -8.65 0.23 -18.03
CA LYS A 191 -8.66 -0.26 -16.66
C LYS A 191 -8.13 -1.67 -16.52
N LEU A 192 -7.10 -1.83 -15.69
CA LEU A 192 -6.68 -3.15 -15.27
C LEU A 192 -7.33 -3.29 -13.90
N GLY A 193 -8.28 -4.21 -13.79
CA GLY A 193 -9.15 -4.26 -12.62
C GLY A 193 -8.46 -4.63 -11.32
N THR A 194 -8.96 -4.10 -10.21
CA THR A 194 -8.43 -4.45 -8.89
C THR A 194 -8.54 -5.94 -8.54
N PHE A 195 -9.56 -6.61 -9.06
CA PHE A 195 -9.72 -8.03 -8.71
C PHE A 195 -8.62 -8.80 -9.44
N HIS A 196 -8.34 -8.37 -10.68
CA HIS A 196 -7.32 -9.00 -11.51
C HIS A 196 -5.93 -8.82 -10.89
N LYS A 197 -5.67 -7.63 -10.35
CA LYS A 197 -4.42 -7.35 -9.67
C LYS A 197 -4.29 -8.18 -8.40
N ALA A 198 -5.40 -8.33 -7.67
CA ALA A 198 -5.38 -9.14 -6.46
C ALA A 198 -5.08 -10.60 -6.80
N ALA A 199 -5.74 -11.09 -7.84
CA ALA A 199 -5.51 -12.45 -8.30
C ALA A 199 -4.06 -12.64 -8.78
N ALA A 200 -3.47 -11.59 -9.36
CA ALA A 200 -2.07 -11.64 -9.77
C ALA A 200 -1.16 -11.75 -8.56
N GLN A 201 -1.47 -11.00 -7.51
CA GLN A 201 -0.66 -11.05 -6.30
C GLN A 201 -0.73 -12.42 -5.62
N LEU A 202 -1.93 -13.01 -5.63
CA LEU A 202 -2.18 -14.31 -5.00
C LEU A 202 -1.66 -15.51 -5.79
N CYS A 203 -1.77 -15.44 -7.11
CA CYS A 203 -1.65 -16.62 -7.96
C CYS A 203 -0.64 -16.45 -9.07
N GLY A 204 -0.15 -15.23 -9.25
CA GLY A 204 0.75 -14.95 -10.36
C GLY A 204 0.02 -14.90 -11.68
N ASN A 205 -1.31 -14.88 -11.63
CA ASN A 205 -2.12 -14.76 -12.83
C ASN A 205 -1.87 -13.43 -13.54
N SER A 206 -2.26 -13.36 -14.80
CA SER A 206 -2.11 -12.13 -15.56
C SER A 206 -3.39 -11.91 -16.37
N TYR A 207 -4.00 -10.73 -16.24
CA TYR A 207 -5.23 -10.43 -16.97
C TYR A 207 -5.08 -9.20 -17.86
N ALA A 208 -5.83 -9.17 -18.96
CA ALA A 208 -5.77 -8.06 -19.89
C ALA A 208 -6.36 -6.78 -19.32
N THR A 209 -5.69 -5.66 -19.59
CA THR A 209 -6.25 -4.35 -19.33
C THR A 209 -7.47 -4.14 -20.22
N GLN A 210 -8.56 -3.67 -19.64
CA GLN A 210 -9.76 -3.37 -20.42
C GLN A 210 -9.76 -1.94 -20.95
N TYR A 211 -10.26 -1.77 -22.17
CA TYR A 211 -10.40 -0.44 -22.75
C TYR A 211 -11.84 -0.26 -23.15
N VAL A 212 -12.53 0.67 -22.51
CA VAL A 212 -13.93 0.95 -22.81
C VAL A 212 -14.11 2.39 -23.26
N ASP A 213 -15.31 2.70 -23.78
CA ASP A 213 -15.65 4.05 -24.21
C ASP A 213 -15.65 5.05 -23.06
N ARG A 214 -14.92 6.15 -23.20
CA ARG A 214 -14.97 7.20 -22.19
C ARG A 214 -15.85 8.37 -22.67
N PHE A 215 -16.71 8.90 -21.80
CA PHE A 215 -17.64 9.96 -22.19
C PHE A 215 -17.47 11.25 -21.41
N GLU A 216 -17.78 12.36 -22.06
CA GLU A 216 -17.93 13.65 -21.39
C GLU A 216 -19.24 14.32 -21.80
N THR A 217 -19.75 15.20 -20.93
CA THR A 217 -21.02 15.86 -21.16
C THR A 217 -20.84 17.37 -21.14
N GLU A 218 -21.45 18.04 -22.11
CA GLU A 218 -21.36 19.50 -22.24
C GLU A 218 -22.75 20.12 -22.44
N PRO A 219 -22.94 21.34 -21.93
CA PRO A 219 -24.15 22.08 -22.28
C PRO A 219 -24.11 22.48 -23.74
N VAL A 220 -25.27 22.43 -24.40
CA VAL A 220 -25.39 22.88 -25.78
C VAL A 220 -26.58 23.82 -25.93
N GLY A 221 -26.68 24.47 -27.08
CA GLY A 221 -27.83 25.32 -27.37
C GLY A 221 -27.78 26.73 -26.79
N ALA A 222 -28.95 27.34 -26.67
CA ALA A 222 -29.07 28.75 -26.28
C ALA A 222 -28.79 29.03 -24.81
N SER A 223 -28.09 30.13 -24.55
CA SER A 223 -27.79 30.56 -23.20
C SER A 223 -28.79 31.62 -22.73
N GLY A 226 -34.98 31.10 -20.73
CA GLY A 226 -36.20 31.15 -19.93
C GLY A 226 -36.11 30.15 -18.78
N ASP A 227 -36.25 28.87 -19.10
CA ASP A 227 -36.13 27.80 -18.12
C ASP A 227 -34.73 27.75 -17.51
N LEU A 228 -33.77 28.42 -18.15
CA LEU A 228 -32.40 28.53 -17.65
C LEU A 228 -32.32 29.36 -16.34
N PHE A 229 -33.39 30.09 -16.04
CA PHE A 229 -33.38 31.06 -14.94
C PHE A 229 -34.28 30.79 -13.73
N GLY A 230 -34.90 29.61 -13.70
CA GLY A 230 -35.62 29.14 -12.53
C GLY A 230 -34.69 29.14 -11.34
N ASP A 231 -35.21 29.49 -10.17
CA ASP A 231 -34.39 29.63 -8.97
C ASP A 231 -33.18 30.55 -9.19
N GLY A 232 -33.36 31.57 -10.04
CA GLY A 232 -32.30 32.53 -10.27
C GLY A 232 -31.14 32.00 -11.10
N GLY A 233 -31.29 30.80 -11.65
CA GLY A 233 -30.28 30.27 -12.56
C GLY A 233 -29.16 29.44 -11.94
N ASN A 234 -28.99 29.51 -10.62
CA ASN A 234 -27.95 28.72 -9.97
C ASN A 234 -28.25 27.21 -10.01
N PRO A 235 -27.20 26.36 -10.06
CA PRO A 235 -27.36 24.91 -9.92
C PRO A 235 -27.98 24.55 -8.58
N GLN A 236 -28.85 23.53 -8.57
CA GLN A 236 -29.70 23.26 -7.41
C GLN A 236 -29.62 21.81 -6.98
N ILE A 237 -28.77 21.03 -7.66
CA ILE A 237 -28.60 19.60 -7.38
C ILE A 237 -27.12 19.27 -7.14
N ALA A 238 -26.84 18.58 -6.04
CA ALA A 238 -25.48 18.25 -5.66
C ALA A 238 -25.35 16.74 -5.53
N LEU A 239 -24.19 16.23 -5.91
CA LEU A 239 -23.91 14.82 -5.87
C LEU A 239 -22.76 14.55 -4.92
N VAL A 240 -23.00 13.68 -3.95
CA VAL A 240 -21.93 13.24 -3.07
C VAL A 240 -21.81 11.73 -3.22
N GLY A 241 -20.58 11.22 -3.22
CA GLY A 241 -20.36 9.84 -3.61
C GLY A 241 -18.92 9.38 -3.57
N THR A 242 -18.67 8.25 -4.22
CA THR A 242 -17.38 7.58 -4.16
C THR A 242 -16.62 7.77 -5.47
N SER A 243 -15.56 6.98 -5.67
CA SER A 243 -14.85 7.01 -6.94
C SER A 243 -15.80 6.70 -8.10
N ASN A 244 -16.86 5.91 -7.84
CA ASN A 244 -17.89 5.63 -8.86
C ASN A 244 -18.57 6.86 -9.48
N SER A 245 -18.67 7.95 -8.72
CA SER A 245 -19.22 9.21 -9.24
C SER A 245 -18.11 10.11 -9.78
N GLY A 246 -16.90 9.55 -9.88
CA GLY A 246 -15.76 10.26 -10.41
C GLY A 246 -15.86 10.53 -11.91
N PRO A 247 -15.07 11.49 -12.40
CA PRO A 247 -15.09 11.96 -13.80
C PRO A 247 -14.92 10.85 -14.83
N ALA A 248 -14.08 9.86 -14.53
CA ALA A 248 -13.77 8.79 -15.48
C ALA A 248 -15.00 8.03 -15.98
N TYR A 249 -16.04 7.90 -15.13
CA TYR A 249 -17.19 7.09 -15.52
C TYR A 249 -18.35 7.97 -15.95
N ASN A 250 -18.22 9.27 -15.69
CA ASN A 250 -19.18 10.27 -16.16
C ASN A 250 -20.63 10.11 -15.62
N PHE A 251 -20.78 9.60 -14.41
CA PHE A 251 -22.10 9.44 -13.79
C PHE A 251 -22.82 10.79 -13.68
N ALA A 252 -22.12 11.81 -13.18
CA ALA A 252 -22.72 13.16 -13.11
C ALA A 252 -23.14 13.71 -14.49
N GLY A 253 -22.31 13.48 -15.51
CA GLY A 253 -22.63 13.95 -16.85
C GLY A 253 -23.87 13.28 -17.43
N PHE A 254 -24.00 11.97 -17.24
CA PHE A 254 -25.20 11.29 -17.69
C PHE A 254 -26.43 11.75 -16.89
N LEU A 255 -26.26 12.02 -15.61
CA LEU A 255 -27.35 12.60 -14.84
C LEU A 255 -27.81 13.91 -15.47
N GLU A 256 -26.87 14.77 -15.84
CA GLU A 256 -27.27 16.04 -16.47
C GLU A 256 -27.97 15.79 -17.81
N GLU A 257 -27.42 14.88 -18.60
CA GLU A 257 -27.96 14.61 -19.92
C GLU A 257 -29.42 14.17 -19.79
N PHE A 258 -29.67 13.20 -18.92
CA PHE A 258 -31.03 12.67 -18.80
C PHE A 258 -31.99 13.50 -17.95
N SER A 259 -31.48 14.39 -17.10
CA SER A 259 -32.36 15.20 -16.24
C SER A 259 -32.55 16.62 -16.76
N GLY A 260 -31.59 17.13 -17.52
CA GLY A 260 -31.66 18.51 -17.98
C GLY A 260 -31.21 19.52 -16.93
N ALA A 261 -30.71 19.05 -15.80
CA ALA A 261 -30.27 19.95 -14.72
C ALA A 261 -28.77 19.84 -14.48
N ASP A 262 -28.16 20.96 -14.06
CA ASP A 262 -26.77 20.96 -13.58
C ASP A 262 -26.59 20.08 -12.34
N ILE A 263 -25.51 19.31 -12.31
CA ILE A 263 -25.22 18.47 -11.15
C ILE A 263 -23.87 18.87 -10.58
N LEU A 264 -23.88 19.48 -9.40
CA LEU A 264 -22.63 19.79 -8.70
C LEU A 264 -22.01 18.52 -8.16
N ASN A 265 -20.89 18.10 -8.77
CA ASN A 265 -20.22 16.86 -8.36
C ASN A 265 -19.22 17.07 -7.23
N ASN A 266 -19.51 16.53 -6.04
CA ASN A 266 -18.59 16.60 -4.92
C ASN A 266 -18.10 15.23 -4.47
N ALA A 267 -18.16 14.25 -5.36
CA ALA A 267 -17.72 12.90 -5.05
C ALA A 267 -16.25 12.89 -4.63
N VAL A 268 -15.88 11.94 -3.79
CA VAL A 268 -14.51 11.80 -3.30
C VAL A 268 -14.03 10.39 -3.59
N SER A 269 -13.00 10.26 -4.43
CA SER A 269 -12.48 8.93 -4.73
C SER A 269 -11.79 8.40 -3.49
N GLY A 270 -12.15 7.18 -3.10
CA GLY A 270 -11.65 6.60 -1.87
C GLY A 270 -12.47 7.00 -0.67
N GLY A 271 -13.45 7.89 -0.86
CA GLY A 271 -14.16 8.45 0.29
C GLY A 271 -15.14 7.51 0.97
N GLY A 272 -15.59 6.48 0.25
CA GLY A 272 -16.59 5.57 0.79
C GLY A 272 -17.95 6.20 1.11
N PHE A 273 -18.58 5.64 2.13
CA PHE A 273 -19.93 5.98 2.55
C PHE A 273 -20.03 7.40 3.09
N ASP A 274 -18.98 7.84 3.77
CA ASP A 274 -19.07 9.00 4.65
C ASP A 274 -18.37 10.29 4.18
N SER A 275 -17.19 10.15 3.58
CA SER A 275 -16.29 11.30 3.40
C SER A 275 -16.85 12.42 2.52
N SER A 276 -17.45 12.05 1.40
CA SER A 276 -17.88 13.05 0.42
C SER A 276 -18.97 13.94 0.99
N LEU A 277 -19.97 13.32 1.60
CA LEU A 277 -21.07 14.06 2.19
C LEU A 277 -20.62 14.90 3.39
N LEU A 278 -19.73 14.36 4.22
CA LEU A 278 -19.23 15.13 5.36
C LEU A 278 -18.43 16.36 4.90
N ALA A 279 -17.53 16.17 3.94
CA ALA A 279 -16.76 17.30 3.42
C ALA A 279 -17.68 18.34 2.80
N TYR A 280 -18.63 17.88 1.98
CA TYR A 280 -19.60 18.79 1.36
C TYR A 280 -20.40 19.60 2.39
N MET A 281 -20.95 18.93 3.39
CA MET A 281 -21.71 19.65 4.42
C MET A 281 -20.83 20.43 5.40
N THR A 282 -19.51 20.28 5.32
CA THR A 282 -18.63 21.17 6.09
C THR A 282 -18.34 22.43 5.28
N SER A 283 -18.57 22.38 3.98
CA SER A 283 -18.23 23.51 3.12
C SER A 283 -19.14 24.72 3.35
N GLU A 284 -18.58 25.91 3.18
CA GLU A 284 -19.32 27.16 3.29
C GLU A 284 -20.41 27.29 2.24
N GLU A 285 -20.08 26.98 0.98
CA GLU A 285 -21.06 27.12 -0.10
C GLU A 285 -22.32 26.30 0.19
N PHE A 286 -22.14 25.15 0.84
CA PHE A 286 -23.30 24.32 1.19
C PHE A 286 -24.27 25.11 2.05
N HIS A 287 -23.75 25.80 3.06
CA HIS A 287 -24.64 26.57 3.94
C HIS A 287 -25.07 27.91 3.38
N LYS A 288 -24.26 28.50 2.49
CA LYS A 288 -24.69 29.72 1.83
C LYS A 288 -25.83 29.42 0.85
N ASN A 289 -25.58 28.50 -0.09
CA ASN A 289 -26.57 28.12 -1.09
C ASN A 289 -26.85 26.62 -1.06
N PRO A 290 -27.70 26.18 -0.11
CA PRO A 290 -28.00 24.74 -0.04
C PRO A 290 -28.74 24.23 -1.28
N PRO A 291 -28.43 23.01 -1.72
CA PRO A 291 -29.11 22.46 -2.89
C PRO A 291 -30.55 22.15 -2.55
N LYS A 292 -31.43 22.14 -3.55
CA LYS A 292 -32.80 21.67 -3.37
C LYS A 292 -32.78 20.15 -3.28
N ILE A 293 -31.83 19.53 -3.99
CA ILE A 293 -31.73 18.09 -4.06
C ILE A 293 -30.28 17.63 -3.81
N LEU A 294 -30.13 16.65 -2.95
CA LEU A 294 -28.83 16.06 -2.65
C LEU A 294 -28.87 14.60 -3.05
N ILE A 295 -28.01 14.22 -3.99
CA ILE A 295 -27.91 12.82 -4.40
C ILE A 295 -26.72 12.14 -3.71
N TRP A 296 -26.95 10.98 -3.13
CA TRP A 296 -25.93 10.33 -2.32
C TRP A 296 -25.71 8.90 -2.81
N GLU A 297 -24.52 8.66 -3.35
CA GLU A 297 -24.18 7.39 -3.98
C GLU A 297 -23.16 6.59 -3.17
N PHE A 298 -23.48 5.32 -2.92
CA PHE A 298 -22.57 4.39 -2.27
C PHE A 298 -23.00 2.94 -2.55
N ALA A 299 -22.13 1.99 -2.23
CA ALA A 299 -22.41 0.59 -2.49
C ALA A 299 -22.89 -0.18 -1.25
N THR A 300 -23.10 -1.48 -1.43
CA THR A 300 -23.87 -2.26 -0.46
C THR A 300 -23.06 -2.86 0.70
N HIS A 301 -21.75 -2.58 0.76
CA HIS A 301 -20.90 -3.21 1.78
C HIS A 301 -20.63 -2.31 2.99
N TYR A 302 -21.09 -1.07 2.95
CA TYR A 302 -20.83 -0.16 4.05
C TYR A 302 -21.77 -0.38 5.21
N ASP A 303 -21.27 -0.08 6.41
CA ASP A 303 -22.08 -0.14 7.61
C ASP A 303 -22.84 1.16 7.73
N MET A 304 -24.13 1.13 7.42
CA MET A 304 -24.97 2.33 7.39
C MET A 304 -25.39 2.80 8.77
N ALA A 305 -25.02 2.08 9.82
CA ALA A 305 -25.43 2.47 11.17
C ALA A 305 -24.33 3.15 11.99
N GLN A 306 -23.12 3.29 11.43
CA GLN A 306 -21.98 3.82 12.18
C GLN A 306 -22.31 5.14 12.89
N LYS A 307 -22.27 5.15 14.21
CA LYS A 307 -22.78 6.28 14.98
C LYS A 307 -21.94 7.56 14.84
N SER A 308 -20.63 7.39 14.73
CA SER A 308 -19.74 8.53 14.58
C SER A 308 -19.97 9.29 13.26
N PHE A 309 -20.56 8.62 12.27
CA PHE A 309 -20.98 9.30 11.05
C PHE A 309 -22.09 10.31 11.33
N TYR A 310 -23.15 9.83 11.98
CA TYR A 310 -24.30 10.68 12.26
C TYR A 310 -24.02 11.79 13.27
N ARG A 311 -23.15 11.52 14.25
CA ARG A 311 -22.72 12.56 15.19
C ARG A 311 -22.05 13.76 14.51
N GLN A 312 -21.45 13.53 13.35
CA GLN A 312 -20.94 14.63 12.53
C GLN A 312 -22.03 15.17 11.59
N ALA A 313 -22.68 14.28 10.85
CA ALA A 313 -23.61 14.72 9.80
C ALA A 313 -24.76 15.56 10.35
N MET A 314 -25.36 15.14 11.47
CA MET A 314 -26.49 15.88 12.04
C MET A 314 -26.19 17.36 12.32
N PRO A 315 -25.18 17.66 13.16
CA PRO A 315 -24.92 19.09 13.40
C PRO A 315 -24.31 19.80 12.20
N LEU A 316 -23.75 19.06 11.26
CA LEU A 316 -23.19 19.69 10.06
C LEU A 316 -24.26 20.33 9.17
N VAL A 317 -25.49 19.83 9.24
CA VAL A 317 -26.58 20.41 8.46
C VAL A 317 -26.72 21.92 8.72
N ASP A 318 -26.50 22.34 9.98
CA ASP A 318 -26.56 23.76 10.34
C ASP A 318 -25.21 24.39 10.67
N ASN A 319 -24.18 23.97 9.95
CA ASN A 319 -22.87 24.61 10.03
C ASN A 319 -22.22 24.64 11.41
N GLY A 320 -22.47 23.61 12.22
CA GLY A 320 -21.88 23.51 13.54
C GLY A 320 -22.10 24.71 14.43
N CYS A 321 -21.02 25.41 14.74
CA CYS A 321 -21.09 26.60 15.59
C CYS A 321 -20.97 27.90 14.81
N SER A 322 -20.77 27.77 13.50
CA SER A 322 -20.57 28.93 12.63
C SER A 322 -21.77 29.86 12.66
N GLY A 323 -21.49 31.17 12.79
CA GLY A 323 -22.53 32.17 12.86
C GLY A 323 -23.21 32.27 14.21
N ARG A 324 -22.93 31.30 15.08
CA ARG A 324 -23.63 31.20 16.35
C ARG A 324 -22.69 31.28 17.55
N LYS A 325 -23.16 31.92 18.62
CA LYS A 325 -22.31 32.24 19.77
C LYS A 325 -21.89 31.02 20.58
N THR A 326 -20.59 30.95 20.87
CA THR A 326 -20.01 29.86 21.63
C THR A 326 -20.06 30.17 23.13
N VAL A 327 -20.19 29.12 23.95
CA VAL A 327 -20.06 29.28 25.39
C VAL A 327 -18.58 29.17 25.77
N LEU A 328 -17.82 28.43 24.95
CA LEU A 328 -16.39 28.32 25.17
C LEU A 328 -15.67 28.30 23.84
N SER A 329 -14.47 28.86 23.81
CA SER A 329 -13.67 28.94 22.59
C SER A 329 -12.22 29.26 22.90
N ARG A 330 -11.30 28.56 22.26
CA ARG A 330 -9.89 28.76 22.56
C ARG A 330 -8.98 28.18 21.48
N LYS A 331 -7.83 28.82 21.27
CA LYS A 331 -6.83 28.31 20.34
C LYS A 331 -5.53 27.98 21.06
N VAL A 332 -5.08 26.75 20.92
CA VAL A 332 -3.85 26.30 21.58
C VAL A 332 -2.90 25.68 20.58
N LYS A 333 -1.59 25.80 20.83
CA LYS A 333 -0.63 25.05 20.03
C LYS A 333 -0.53 23.65 20.61
N LEU A 334 -0.54 22.66 19.73
CA LEU A 334 -0.48 21.26 20.14
C LEU A 334 0.92 20.85 20.55
N ARG A 335 1.02 20.25 21.74
CA ARG A 335 2.27 19.63 22.16
C ARG A 335 2.15 18.15 21.83
N GLN A 336 3.26 17.44 21.83
CA GLN A 336 3.23 15.99 21.65
C GLN A 336 2.42 15.37 22.78
N GLY A 337 1.42 14.58 22.42
CA GLY A 337 0.58 13.93 23.40
C GLY A 337 -0.73 14.66 23.70
N ARG A 338 -1.06 14.76 24.98
CA ARG A 338 -2.35 15.29 25.42
C ARG A 338 -2.37 16.81 25.49
N ASN A 339 -3.42 17.41 24.95
CA ASN A 339 -3.62 18.86 25.08
C ASN A 339 -5.03 19.18 25.57
N GLU A 340 -5.15 19.67 26.80
CA GLU A 340 -6.41 20.22 27.28
C GLU A 340 -6.73 21.43 26.43
N VAL A 341 -7.87 21.42 25.74
CA VAL A 341 -8.20 22.51 24.82
C VAL A 341 -9.27 23.44 25.36
N LEU A 342 -10.34 22.88 25.93
CA LEU A 342 -11.39 23.70 26.52
C LEU A 342 -11.72 23.23 27.92
N LEU A 343 -11.78 24.16 28.85
CA LEU A 343 -12.08 23.84 30.25
C LEU A 343 -13.23 24.72 30.73
N ASN A 344 -14.35 24.09 31.06
CA ASN A 344 -15.47 24.76 31.71
C ASN A 344 -15.13 25.13 33.16
N SER A 345 -14.08 25.93 33.34
CA SER A 345 -13.60 26.30 34.68
C SER A 345 -14.59 27.14 35.50
N ALA A 346 -15.54 27.78 34.84
CA ALA A 346 -16.56 28.54 35.55
C ALA A 346 -17.77 27.68 35.90
N ALA A 347 -17.67 26.39 35.58
CA ALA A 347 -18.72 25.41 35.87
C ALA A 347 -20.07 25.87 35.34
N LEU A 348 -20.09 26.31 34.09
CA LEU A 348 -21.32 26.73 33.43
C LEU A 348 -22.19 25.53 33.07
N PRO A 349 -23.51 25.76 32.95
CA PRO A 349 -24.48 24.75 32.51
C PRO A 349 -24.33 24.36 31.04
N ILE A 350 -23.65 23.25 30.80
CA ILE A 350 -23.50 22.69 29.47
C ILE A 350 -23.93 21.23 29.46
N ARG A 351 -25.22 20.99 29.18
CA ARG A 351 -25.74 19.63 29.08
C ARG A 351 -25.25 18.95 27.79
N SER A 352 -24.68 17.75 27.93
CA SER A 352 -24.09 17.02 26.80
C SER A 352 -25.05 16.81 25.62
N GLY A 353 -26.12 16.05 25.85
CA GLY A 353 -27.02 15.65 24.77
C GLY A 353 -27.77 16.79 24.10
N SER A 354 -27.36 18.02 24.38
CA SER A 354 -27.89 19.16 23.68
C SER A 354 -26.79 20.19 23.43
N TYR A 355 -25.56 19.72 23.19
CA TYR A 355 -24.45 20.61 22.86
C TYR A 355 -23.57 20.09 21.71
N VAL A 356 -22.82 21.00 21.08
CA VAL A 356 -22.07 20.69 19.86
C VAL A 356 -20.63 21.27 19.86
N ALA A 357 -19.69 20.49 19.30
CA ALA A 357 -18.29 20.91 19.18
C ALA A 357 -17.88 21.23 17.75
N ASP A 358 -17.06 22.27 17.61
CA ASP A 358 -16.60 22.78 16.32
C ASP A 358 -15.10 23.04 16.41
N VAL A 359 -14.31 22.40 15.56
CA VAL A 359 -12.87 22.32 15.77
C VAL A 359 -12.05 22.47 14.48
N THR A 360 -11.04 23.35 14.49
CA THR A 360 -10.27 23.62 13.29
C THR A 360 -8.75 23.61 13.47
N TYR A 361 -8.09 22.63 12.86
CA TYR A 361 -6.63 22.57 12.78
C TYR A 361 -6.06 23.74 11.97
N SER A 362 -4.85 24.16 12.30
CA SER A 362 -4.18 25.20 11.53
C SER A 362 -3.70 24.66 10.18
N ASP A 363 -3.47 23.34 10.12
CA ASP A 363 -3.00 22.69 8.90
C ASP A 363 -4.09 21.76 8.34
N PRO A 364 -4.64 22.11 7.18
CA PRO A 364 -5.74 21.37 6.53
C PRO A 364 -5.37 19.96 6.12
N SER A 365 -4.10 19.59 6.28
CA SER A 365 -3.65 18.26 5.88
C SER A 365 -3.69 17.29 7.05
N VAL A 366 -4.28 17.73 8.17
CA VAL A 366 -4.41 16.85 9.32
C VAL A 366 -5.76 16.15 9.30
N HIS A 367 -5.74 14.88 8.88
CA HIS A 367 -6.96 14.14 8.59
C HIS A 367 -7.35 13.17 9.70
N GLU A 368 -7.02 13.55 10.92
CA GLU A 368 -7.34 12.73 12.08
C GLU A 368 -7.57 13.64 13.26
N LEU A 369 -8.60 13.36 14.06
CA LEU A 369 -8.89 14.12 15.27
C LEU A 369 -9.23 13.20 16.44
N LYS A 370 -8.40 13.21 17.48
CA LYS A 370 -8.63 12.37 18.66
C LYS A 370 -9.08 13.21 19.85
N ASN A 371 -10.35 13.05 20.22
CA ASN A 371 -10.98 13.86 21.26
C ASN A 371 -11.23 13.09 22.54
N THR A 372 -11.04 13.77 23.65
CA THR A 372 -11.51 13.24 24.92
C THR A 372 -12.41 14.27 25.56
N ILE A 373 -13.58 13.81 26.00
CA ILE A 373 -14.59 14.67 26.58
C ILE A 373 -14.87 14.26 28.02
N TRP A 374 -14.53 15.13 28.97
CA TRP A 374 -14.74 14.87 30.39
C TRP A 374 -16.00 15.56 30.89
N TYR A 375 -16.71 14.88 31.79
CA TYR A 375 -17.90 15.41 32.43
C TYR A 375 -17.66 15.64 33.91
N MET A 376 -18.55 16.41 34.53
CA MET A 376 -18.43 16.79 35.94
C MET A 376 -18.51 15.61 36.92
N ASN A 377 -18.76 14.41 36.40
CA ASN A 377 -18.87 13.21 37.22
C ASN A 377 -17.71 12.25 37.03
N GLY A 378 -16.62 12.74 36.45
CA GLY A 378 -15.43 11.94 36.26
C GLY A 378 -15.48 10.98 35.08
N ARG A 379 -16.63 10.86 34.43
CA ARG A 379 -16.73 10.01 33.24
C ARG A 379 -16.07 10.68 32.03
N ARG A 380 -15.74 9.87 31.03
CA ARG A 380 -15.03 10.36 29.86
C ARG A 380 -15.53 9.68 28.59
N GLU A 381 -15.44 10.38 27.46
CA GLU A 381 -15.70 9.76 26.17
C GLU A 381 -14.49 9.95 25.29
N GLN A 382 -14.05 8.89 24.63
CA GLN A 382 -12.98 9.03 23.66
C GLN A 382 -13.50 8.90 22.24
N LEU A 383 -13.60 10.02 21.54
CA LEU A 383 -14.11 10.04 20.19
C LEU A 383 -12.99 10.27 19.18
N LYS A 384 -12.75 9.31 18.32
CA LYS A 384 -11.69 9.43 17.34
C LYS A 384 -12.28 9.47 15.93
N ILE A 385 -12.03 10.58 15.23
CA ILE A 385 -12.57 10.82 13.90
C ILE A 385 -11.47 10.78 12.85
N GLU A 386 -11.57 9.80 11.95
CA GLU A 386 -10.63 9.68 10.85
C GLU A 386 -11.25 10.28 9.59
N GLN A 387 -10.53 11.20 8.97
CA GLN A 387 -11.02 11.87 7.77
C GLN A 387 -10.21 11.40 6.55
N SER A 388 -10.88 11.27 5.41
CA SER A 388 -10.23 10.87 4.17
C SER A 388 -9.04 11.76 3.84
N LYS A 389 -7.98 11.14 3.33
CA LYS A 389 -6.76 11.84 2.92
C LYS A 389 -7.02 12.78 1.74
N ALA A 390 -8.09 12.51 1.01
CA ALA A 390 -8.33 13.23 -0.24
C ALA A 390 -9.22 14.46 -0.09
N VAL A 391 -9.81 14.67 1.07
CA VAL A 391 -10.67 15.85 1.25
C VAL A 391 -9.97 17.03 1.89
N ASP A 392 -10.62 18.18 1.81
CA ASP A 392 -10.11 19.42 2.39
C ASP A 392 -11.29 20.18 2.97
N THR A 393 -11.47 20.10 4.28
CA THR A 393 -12.51 20.84 4.99
C THR A 393 -11.88 22.02 5.72
N GLY A 394 -10.64 22.31 5.36
CA GLY A 394 -9.87 23.36 6.01
C GLY A 394 -9.43 22.95 7.40
N GLY A 395 -9.36 21.65 7.64
CA GLY A 395 -9.01 21.12 8.94
C GLY A 395 -10.14 21.21 9.96
N ARG A 396 -11.34 21.57 9.51
CA ARG A 396 -12.51 21.66 10.38
C ARG A 396 -13.25 20.32 10.55
N TYR A 397 -13.71 20.08 11.77
CA TYR A 397 -14.49 18.91 12.18
C TYR A 397 -15.62 19.45 13.03
N VAL A 398 -16.76 18.76 13.03
CA VAL A 398 -17.91 19.16 13.85
C VAL A 398 -18.64 17.92 14.37
N PHE A 399 -18.99 17.90 15.65
CA PHE A 399 -19.66 16.72 16.20
C PHE A 399 -20.53 17.03 17.41
N GLN A 400 -21.61 16.27 17.59
CA GLN A 400 -22.46 16.46 18.75
C GLN A 400 -21.85 15.73 19.93
N LEU A 401 -21.98 16.34 21.12
CA LEU A 401 -21.60 15.67 22.34
C LEU A 401 -22.53 14.49 22.53
N ARG A 402 -22.00 13.42 23.09
CA ARG A 402 -22.70 12.14 23.17
C ARG A 402 -24.08 12.28 23.80
N ASN A 403 -25.06 11.66 23.16
CA ASN A 403 -26.42 11.64 23.68
C ASN A 403 -27.02 10.24 23.66
N ASP A 404 -26.17 9.25 23.96
CA ASP A 404 -26.62 7.89 24.21
C ASP A 404 -27.57 7.87 25.40
N SER A 405 -28.10 6.69 25.69
CA SER A 405 -29.09 6.49 26.74
C SER A 405 -28.76 7.17 28.07
N ASP A 406 -27.48 7.17 28.45
CA ASP A 406 -27.09 7.64 29.78
C ASP A 406 -26.03 8.73 29.74
N TRP A 407 -25.88 9.39 28.59
CA TRP A 407 -24.83 10.39 28.44
C TRP A 407 -25.36 11.80 28.16
N ALA A 408 -26.56 11.88 27.59
CA ALA A 408 -27.14 13.15 27.18
C ALA A 408 -27.32 14.13 28.34
N ASP A 409 -27.31 13.60 29.55
CA ASP A 409 -27.61 14.37 30.74
C ASP A 409 -26.38 15.00 31.39
N GLN A 410 -25.20 14.47 31.12
CA GLN A 410 -23.99 14.86 31.84
C GLN A 410 -23.59 16.31 31.61
N GLN A 411 -22.94 16.91 32.61
CA GLN A 411 -22.42 18.27 32.48
C GLN A 411 -20.98 18.29 31.95
N PHE A 412 -20.79 18.95 30.82
CA PHE A 412 -19.49 19.10 30.20
C PHE A 412 -18.46 19.73 31.15
N LEU A 413 -17.29 19.12 31.25
CA LEU A 413 -16.20 19.71 31.99
C LEU A 413 -15.05 20.10 31.07
N SER A 414 -14.60 19.17 30.23
CA SER A 414 -13.48 19.52 29.36
C SER A 414 -13.41 18.80 28.01
N LEU A 415 -12.70 19.44 27.08
CA LEU A 415 -12.34 18.82 25.83
C LEU A 415 -10.82 18.84 25.68
N GLU A 416 -10.25 17.67 25.36
CA GLU A 416 -8.82 17.49 25.22
C GLU A 416 -8.52 16.89 23.86
N ILE A 417 -7.36 17.22 23.31
CA ILE A 417 -7.04 16.73 21.98
C ILE A 417 -5.66 16.06 21.89
N GLU A 418 -5.65 14.77 21.55
CA GLU A 418 -4.40 14.06 21.33
C GLU A 418 -3.74 14.50 20.02
N ALA A 419 -2.48 14.90 20.08
CA ALA A 419 -1.75 15.35 18.90
C ALA A 419 -1.67 14.27 17.80
N PRO A 420 -1.72 14.69 16.54
CA PRO A 420 -1.68 13.79 15.38
C PRO A 420 -0.33 13.10 15.18
N ASP A 422 1.83 12.01 12.92
CA ASP A 422 2.92 12.75 12.26
C ASP A 422 2.59 14.25 12.21
N MET A 423 2.45 14.84 13.39
CA MET A 423 2.05 16.23 13.51
C MET A 423 3.05 17.21 12.89
N PRO A 424 2.56 18.08 11.98
CA PRO A 424 3.35 19.19 11.43
C PRO A 424 3.84 20.11 12.54
N GLN A 425 5.03 20.68 12.38
CA GLN A 425 5.58 21.55 13.41
C GLN A 425 4.85 22.89 13.41
N GLY A 426 4.64 23.44 14.61
CA GLY A 426 3.93 24.69 14.76
C GLY A 426 2.43 24.51 14.83
N LEU A 427 1.95 23.32 14.46
CA LEU A 427 0.51 23.03 14.35
C LEU A 427 -0.30 23.44 15.57
N GLU A 428 -1.33 24.25 15.33
CA GLU A 428 -2.24 24.68 16.38
C GLU A 428 -3.64 24.15 16.11
N VAL A 429 -4.55 24.44 17.04
CA VAL A 429 -5.94 24.04 16.88
C VAL A 429 -6.87 25.04 17.56
N GLN A 430 -8.03 25.25 16.95
CA GLN A 430 -9.05 26.16 17.45
C GLN A 430 -10.34 25.41 17.77
N ALA A 431 -10.75 25.41 19.03
CA ALA A 431 -11.98 24.70 19.37
C ALA A 431 -13.05 25.57 20.00
N SER A 432 -14.30 25.21 19.77
CA SER A 432 -15.43 25.98 20.25
C SER A 432 -16.62 25.07 20.52
N ILE A 433 -17.42 25.44 21.51
CA ILE A 433 -18.57 24.66 21.94
C ILE A 433 -19.80 25.55 21.91
N CYS A 434 -20.86 25.09 21.26
CA CYS A 434 -22.05 25.91 21.11
C CYS A 434 -23.35 25.17 21.38
N GLN A 435 -24.37 25.96 21.68
CA GLN A 435 -25.71 25.47 21.80
C GLN A 435 -26.19 24.90 20.47
N ALA A 436 -27.05 23.90 20.54
CA ALA A 436 -27.63 23.26 19.35
C ALA A 436 -29.09 23.66 19.21
N ALA A 437 -29.56 23.83 17.98
CA ALA A 437 -30.94 24.22 17.73
C ALA A 437 -31.81 23.01 17.38
N GLY B 15 36.03 -34.10 -14.78
CA GLY B 15 36.24 -34.02 -16.21
C GLY B 15 37.54 -33.27 -16.51
N ASN B 16 37.45 -31.94 -16.59
CA ASN B 16 38.66 -31.13 -16.46
C ASN B 16 38.98 -30.87 -14.99
N LEU B 17 38.29 -31.59 -14.10
CA LEU B 17 38.48 -31.50 -12.64
C LEU B 17 39.54 -32.47 -12.12
N CYS B 18 39.38 -32.94 -10.88
CA CYS B 18 40.38 -33.79 -10.20
C CYS B 18 39.76 -34.37 -8.92
N PRO B 19 40.38 -35.41 -8.33
CA PRO B 19 39.84 -36.01 -7.10
C PRO B 19 39.51 -35.02 -6.00
N ALA B 20 40.40 -34.07 -5.79
CA ALA B 20 40.23 -33.10 -4.69
C ALA B 20 38.88 -32.37 -4.75
N ALA B 21 38.42 -32.06 -5.96
CA ALA B 21 37.20 -31.31 -6.14
C ALA B 21 35.96 -32.06 -5.65
N ALA B 22 36.08 -33.38 -5.47
CA ALA B 22 34.92 -34.19 -5.10
C ALA B 22 34.71 -34.31 -3.59
N TYR B 23 35.63 -33.76 -2.79
CA TYR B 23 35.52 -33.75 -1.33
C TYR B 23 34.99 -32.41 -0.81
N ASP B 24 33.85 -32.41 -0.13
CA ASP B 24 33.35 -31.20 0.54
C ASP B 24 34.37 -30.58 1.48
N SER B 25 35.14 -31.42 2.17
CA SER B 25 36.13 -30.97 3.15
C SER B 25 37.27 -30.18 2.52
N ARG B 26 37.45 -30.31 1.21
CA ARG B 26 38.49 -29.57 0.52
C ARG B 26 38.11 -28.08 0.37
N TYR B 27 36.81 -27.77 0.47
CA TYR B 27 36.35 -26.39 0.28
C TYR B 27 36.36 -25.64 1.60
N ASN B 28 37.55 -25.41 2.13
CA ASN B 28 37.70 -25.07 3.53
C ASN B 28 38.13 -23.64 3.81
N THR B 29 37.93 -22.76 2.85
CA THR B 29 38.20 -21.36 3.10
C THR B 29 36.96 -20.57 2.78
N LYS B 30 36.96 -19.29 3.13
CA LYS B 30 35.78 -18.47 2.88
C LYS B 30 35.59 -18.36 1.37
N TYR B 31 36.70 -18.25 0.66
CA TYR B 31 36.66 -18.19 -0.80
C TYR B 31 36.05 -19.46 -1.39
N LEU B 32 36.61 -20.60 -0.99
CA LEU B 32 36.25 -21.90 -1.57
C LEU B 32 34.84 -22.34 -1.19
N GLY B 33 34.39 -21.91 0.00
CA GLY B 33 33.04 -22.22 0.47
C GLY B 33 31.92 -21.89 -0.49
N PHE B 34 32.14 -20.91 -1.36
CA PHE B 34 31.11 -20.50 -2.33
C PHE B 34 30.87 -21.58 -3.41
N PHE B 35 31.74 -22.60 -3.49
CA PHE B 35 31.68 -23.55 -4.61
C PHE B 35 31.33 -25.00 -4.25
N THR B 36 31.19 -25.29 -2.96
CA THR B 36 31.06 -26.65 -2.45
C THR B 36 29.90 -27.45 -3.07
N HIS B 37 30.19 -28.59 -3.72
CA HIS B 37 31.48 -28.90 -4.30
C HIS B 37 31.26 -29.00 -5.80
N LEU B 38 32.31 -28.83 -6.58
CA LEU B 38 32.16 -28.74 -8.02
C LEU B 38 31.99 -30.11 -8.65
N VAL B 39 31.14 -30.18 -9.67
CA VAL B 39 30.99 -31.36 -10.52
C VAL B 39 30.89 -30.89 -11.99
N GLN B 40 31.42 -31.69 -12.91
CA GLN B 40 31.44 -31.28 -14.31
C GLN B 40 30.31 -31.91 -15.12
N ALA B 41 29.62 -31.07 -15.87
CA ALA B 41 28.50 -31.50 -16.69
C ALA B 41 28.88 -31.47 -18.18
N GLN B 42 27.89 -31.24 -19.03
CA GLN B 42 28.13 -31.25 -20.47
C GLN B 42 28.94 -30.02 -20.84
N ASP B 43 29.65 -30.09 -21.96
CA ASP B 43 30.59 -29.04 -22.34
C ASP B 43 31.56 -28.78 -21.22
N ASP B 44 31.72 -27.49 -20.92
CA ASP B 44 32.55 -27.07 -19.82
C ASP B 44 31.64 -26.54 -18.72
N TRP B 45 30.37 -26.93 -18.74
CA TRP B 45 29.46 -26.64 -17.62
C TRP B 45 29.97 -27.25 -16.33
N LEU B 46 29.99 -26.44 -15.26
CA LEU B 46 30.25 -26.90 -13.91
C LEU B 46 29.06 -26.55 -13.03
N PHE B 47 28.71 -27.42 -12.10
CA PHE B 47 27.66 -27.12 -11.14
C PHE B 47 28.22 -27.30 -9.73
N ARG B 48 27.68 -26.54 -8.78
CA ARG B 48 28.01 -26.70 -7.36
C ARG B 48 26.91 -27.50 -6.70
N THR B 49 27.27 -28.57 -6.01
CA THR B 49 26.26 -29.46 -5.42
C THR B 49 25.36 -28.74 -4.40
N THR B 50 25.95 -28.10 -3.39
CA THR B 50 25.16 -27.49 -2.32
C THR B 50 24.35 -26.25 -2.78
N TYR B 51 24.87 -25.48 -3.72
CA TYR B 51 24.20 -24.23 -4.15
C TYR B 51 23.28 -24.40 -5.34
N ASP B 52 23.76 -25.11 -6.37
CA ASP B 52 23.04 -25.24 -7.63
C ASP B 52 22.07 -26.42 -7.63
N LEU B 53 22.43 -27.47 -6.91
CA LEU B 53 21.61 -28.67 -6.93
C LEU B 53 20.83 -28.90 -5.64
N ARG B 54 20.67 -27.87 -4.85
CA ARG B 54 19.94 -27.99 -3.58
C ARG B 54 18.47 -28.28 -3.83
N THR B 55 17.83 -28.94 -2.86
CA THR B 55 16.39 -29.15 -2.89
C THR B 55 15.68 -28.37 -1.77
N ASP B 56 16.44 -27.65 -0.94
CA ASP B 56 15.88 -26.95 0.23
C ASP B 56 15.79 -25.43 0.01
N PHE B 57 14.63 -24.84 0.25
CA PHE B 57 14.47 -23.40 0.04
C PHE B 57 13.64 -22.74 1.14
N GLY B 58 13.83 -21.43 1.29
CA GLY B 58 13.01 -20.65 2.21
C GLY B 58 13.76 -20.23 3.46
N THR B 59 13.02 -20.11 4.56
CA THR B 59 13.57 -19.63 5.81
C THR B 59 12.67 -20.08 6.96
N SER B 60 12.96 -19.63 8.17
CA SER B 60 12.24 -20.12 9.35
C SER B 60 10.95 -19.32 9.53
N ALA B 61 10.12 -19.73 10.48
CA ALA B 61 8.90 -19.00 10.80
C ALA B 61 9.24 -17.54 11.12
N GLU B 62 10.25 -17.37 11.96
CA GLU B 62 10.73 -16.04 12.32
C GLU B 62 11.11 -15.20 11.10
N GLY B 63 11.77 -15.84 10.13
CA GLY B 63 12.17 -15.15 8.92
C GLY B 63 10.98 -14.63 8.14
N TRP B 64 9.97 -15.48 8.02
CA TRP B 64 8.72 -15.07 7.37
C TRP B 64 8.04 -13.91 8.10
N ARG B 65 8.04 -13.95 9.43
CA ARG B 65 7.57 -12.81 10.24
C ARG B 65 8.32 -11.52 9.92
N GLU B 66 9.64 -11.60 9.89
CA GLU B 66 10.44 -10.41 9.65
C GLU B 66 10.23 -9.85 8.24
N LEU B 67 10.09 -10.73 7.24
CA LEU B 67 9.80 -10.30 5.88
C LEU B 67 8.44 -9.60 5.81
N ARG B 68 7.40 -10.23 6.36
CA ARG B 68 6.10 -9.57 6.47
C ARG B 68 6.19 -8.18 7.14
N ALA B 69 6.86 -8.09 8.29
CA ALA B 69 6.99 -6.81 8.99
C ALA B 69 7.70 -5.75 8.16
N LEU B 70 8.75 -6.15 7.42
CA LEU B 70 9.46 -5.23 6.53
C LEU B 70 8.57 -4.74 5.37
N ARG B 71 7.84 -5.69 4.76
CA ARG B 71 6.88 -5.35 3.71
C ARG B 71 5.79 -4.36 4.22
N ASP B 72 5.27 -4.61 5.42
CA ASP B 72 4.27 -3.73 6.05
C ASP B 72 4.84 -2.35 6.29
N GLU B 73 6.07 -2.29 6.80
CA GLU B 73 6.65 -0.99 7.12
C GLU B 73 6.91 -0.17 5.84
N LEU B 74 7.36 -0.84 4.77
CA LEU B 74 7.52 -0.15 3.49
C LEU B 74 6.16 0.32 2.94
N LYS B 75 5.14 -0.51 3.11
CA LYS B 75 3.81 -0.14 2.64
C LYS B 75 3.32 1.11 3.35
N ARG B 76 3.58 1.18 4.65
CA ARG B 76 3.22 2.35 5.44
C ARG B 76 3.80 3.62 4.86
N LYS B 77 4.91 3.49 4.16
CA LYS B 77 5.60 4.64 3.58
C LYS B 77 5.17 4.87 2.14
N GLY B 78 4.26 4.05 1.67
CA GLY B 78 3.78 4.16 0.30
C GLY B 78 4.68 3.47 -0.71
N ILE B 79 5.41 2.44 -0.27
CA ILE B 79 6.29 1.66 -1.14
C ILE B 79 5.83 0.22 -1.24
N GLU B 80 5.59 -0.24 -2.47
CA GLU B 80 5.28 -1.64 -2.71
C GLU B 80 6.59 -2.43 -2.96
N LEU B 81 6.68 -3.64 -2.41
CA LEU B 81 7.91 -4.43 -2.49
C LEU B 81 7.74 -5.59 -3.46
N VAL B 82 8.65 -5.68 -4.42
CA VAL B 82 8.71 -6.83 -5.34
C VAL B 82 10.01 -7.59 -5.09
N VAL B 83 9.93 -8.91 -4.92
CA VAL B 83 11.11 -9.72 -4.71
C VAL B 83 11.42 -10.65 -5.90
N VAL B 84 12.64 -10.46 -6.43
CA VAL B 84 13.20 -11.36 -7.44
C VAL B 84 14.06 -12.39 -6.73
N TYR B 85 13.52 -13.60 -6.59
CA TYR B 85 14.17 -14.70 -5.90
C TYR B 85 14.82 -15.51 -7.00
N GLN B 86 16.10 -15.24 -7.27
CA GLN B 86 16.78 -15.85 -8.41
C GLN B 86 16.84 -17.37 -8.28
N PRO B 87 16.24 -18.09 -9.25
CA PRO B 87 16.19 -19.55 -9.25
C PRO B 87 17.58 -20.16 -9.46
N THR B 88 17.78 -21.42 -9.05
CA THR B 88 19.10 -22.05 -9.08
C THR B 88 19.50 -22.52 -10.48
N ARG B 89 20.80 -22.72 -10.68
CA ARG B 89 21.33 -23.20 -11.95
C ARG B 89 20.82 -24.60 -12.23
N GLY B 90 20.60 -25.37 -11.16
CA GLY B 90 19.97 -26.67 -11.31
C GLY B 90 18.57 -26.55 -11.89
N LEU B 91 17.74 -25.71 -11.29
CA LEU B 91 16.33 -25.63 -11.68
C LEU B 91 16.18 -25.17 -13.12
N VAL B 92 17.04 -24.25 -13.57
CA VAL B 92 16.92 -23.71 -14.92
C VAL B 92 17.70 -24.52 -15.96
N ASN B 93 18.98 -24.74 -15.71
CA ASN B 93 19.84 -25.44 -16.67
C ASN B 93 20.06 -26.91 -16.33
N ARG B 94 19.04 -27.51 -15.74
CA ARG B 94 18.99 -28.95 -15.51
C ARG B 94 19.50 -29.79 -16.68
N GLU B 95 19.08 -29.44 -17.90
CA GLU B 95 19.47 -30.23 -19.08
C GLU B 95 20.97 -30.22 -19.41
N LYS B 96 21.72 -29.32 -18.78
CA LYS B 96 23.17 -29.29 -18.98
C LYS B 96 23.88 -30.38 -18.19
N LEU B 97 23.19 -30.93 -17.17
CA LEU B 97 23.76 -32.01 -16.37
C LEU B 97 24.00 -33.25 -17.23
N SER B 98 25.00 -34.04 -16.86
CA SER B 98 25.19 -35.36 -17.44
C SER B 98 23.98 -36.22 -17.09
N PRO B 99 23.82 -37.36 -17.76
CA PRO B 99 22.68 -38.22 -17.41
C PRO B 99 22.74 -38.71 -15.95
N ALA B 100 23.93 -39.04 -15.46
CA ALA B 100 24.06 -39.47 -14.07
C ALA B 100 23.70 -38.35 -13.10
N GLU B 101 24.14 -37.14 -13.41
CA GLU B 101 23.86 -36.00 -12.54
C GLU B 101 22.37 -35.69 -12.56
N LYS B 102 21.79 -35.74 -13.75
CA LYS B 102 20.36 -35.49 -13.91
C LYS B 102 19.53 -36.50 -13.13
N ALA B 103 19.94 -37.77 -13.20
CA ALA B 103 19.27 -38.82 -12.45
C ALA B 103 19.41 -38.61 -10.95
N GLY B 104 20.54 -38.01 -10.55
CA GLY B 104 20.85 -37.84 -9.14
C GLY B 104 20.20 -36.63 -8.47
N PHE B 105 19.90 -35.61 -9.26
CA PHE B 105 19.36 -34.35 -8.73
C PHE B 105 17.83 -34.37 -8.76
N ASP B 106 17.23 -34.42 -7.59
CA ASP B 106 15.78 -34.48 -7.47
C ASP B 106 15.12 -33.16 -7.85
N TYR B 107 15.00 -32.95 -9.17
CA TYR B 107 14.50 -31.72 -9.75
C TYR B 107 13.06 -31.42 -9.31
N GLU B 108 12.22 -32.44 -9.23
CA GLU B 108 10.83 -32.22 -8.86
C GLU B 108 10.68 -31.70 -7.42
N LEU B 109 11.46 -32.26 -6.51
CA LEU B 109 11.43 -31.83 -5.12
C LEU B 109 11.95 -30.41 -4.97
N ALA B 110 13.06 -30.12 -5.64
CA ALA B 110 13.60 -28.76 -5.67
C ALA B 110 12.54 -27.77 -6.19
N LYS B 111 11.88 -28.13 -7.28
CA LYS B 111 10.85 -27.28 -7.88
C LYS B 111 9.68 -27.04 -6.93
N LYS B 112 9.22 -28.11 -6.29
CA LYS B 112 8.14 -28.02 -5.32
C LYS B 112 8.50 -27.07 -4.15
N ASN B 113 9.69 -27.23 -3.58
CA ASN B 113 10.13 -26.40 -2.46
C ASN B 113 10.40 -24.94 -2.82
N TYR B 114 10.94 -24.73 -4.00
CA TYR B 114 11.07 -23.39 -4.54
C TYR B 114 9.69 -22.71 -4.69
N LEU B 115 8.75 -23.41 -5.33
CA LEU B 115 7.41 -22.86 -5.50
C LEU B 115 6.70 -22.61 -4.17
N ALA B 116 6.86 -23.50 -3.20
CA ALA B 116 6.27 -23.29 -1.87
C ALA B 116 6.87 -22.04 -1.23
N THR B 117 8.14 -21.78 -1.55
CA THR B 117 8.78 -20.58 -1.02
C THR B 117 8.22 -19.32 -1.66
N ILE B 118 7.95 -19.40 -2.96
CA ILE B 118 7.27 -18.34 -3.68
C ILE B 118 5.89 -18.07 -3.02
N ALA B 119 5.15 -19.15 -2.72
CA ALA B 119 3.86 -19.00 -2.06
C ALA B 119 4.02 -18.29 -0.73
N ARG B 120 5.11 -18.58 -0.01
CA ARG B 120 5.31 -17.92 1.28
C ARG B 120 5.64 -16.44 1.14
N PHE B 121 6.42 -16.08 0.12
CA PHE B 121 6.61 -14.66 -0.19
C PHE B 121 5.26 -13.99 -0.45
N ARG B 122 4.40 -14.66 -1.22
CA ARG B 122 3.07 -14.08 -1.48
C ARG B 122 2.24 -13.91 -0.21
N GLN B 123 2.21 -14.93 0.64
CA GLN B 123 1.54 -14.80 1.94
C GLN B 123 2.06 -13.66 2.81
N ALA B 124 3.33 -13.31 2.67
CA ALA B 124 3.89 -12.16 3.39
C ALA B 124 3.47 -10.80 2.82
N GLY B 125 2.66 -10.82 1.75
CA GLY B 125 2.22 -9.60 1.08
C GLY B 125 3.18 -9.04 0.04
N ILE B 126 4.15 -9.85 -0.39
CA ILE B 126 5.19 -9.37 -1.32
C ILE B 126 4.83 -9.76 -2.72
N TRP B 127 5.01 -8.84 -3.67
CA TRP B 127 4.77 -9.15 -5.07
C TRP B 127 5.90 -10.04 -5.58
N THR B 128 5.59 -11.29 -5.90
CA THR B 128 6.64 -12.26 -6.21
C THR B 128 6.50 -12.94 -7.57
N PRO B 129 7.29 -12.49 -8.54
CA PRO B 129 7.32 -13.11 -9.87
C PRO B 129 7.62 -14.61 -9.78
N ASP B 130 6.93 -15.40 -10.57
CA ASP B 130 7.12 -16.84 -10.60
C ASP B 130 7.99 -17.19 -11.82
N PHE B 131 9.21 -17.67 -11.56
CA PHE B 131 10.16 -17.95 -12.65
C PHE B 131 10.06 -19.38 -13.16
N SER B 132 9.13 -20.16 -12.62
CA SER B 132 9.04 -21.58 -13.04
C SER B 132 8.80 -21.86 -14.54
N PRO B 133 8.16 -20.93 -15.28
CA PRO B 133 8.08 -21.24 -16.72
C PRO B 133 9.44 -21.29 -17.42
N LEU B 134 10.49 -20.84 -16.73
CA LEU B 134 11.83 -20.87 -17.32
C LEU B 134 12.64 -22.08 -16.85
N PHE B 135 12.05 -22.93 -16.01
CA PHE B 135 12.80 -24.06 -15.46
C PHE B 135 12.99 -25.12 -16.53
N ASP B 136 14.01 -25.94 -16.37
CA ASP B 136 14.30 -27.03 -17.29
C ASP B 136 14.36 -26.55 -18.74
N GLU B 137 14.87 -25.34 -18.95
CA GLU B 137 14.86 -24.68 -20.26
C GLU B 137 15.53 -25.48 -21.37
N LYS B 138 15.12 -25.18 -22.60
CA LYS B 138 15.81 -25.65 -23.78
C LYS B 138 15.99 -24.45 -24.71
N GLU B 139 17.11 -23.75 -24.55
CA GLU B 139 17.32 -22.50 -25.27
C GLU B 139 18.67 -22.49 -25.98
N GLU B 140 18.72 -21.74 -27.08
CA GLU B 140 19.97 -21.59 -27.83
C GLU B 140 20.99 -20.82 -26.98
N HIS B 141 20.50 -19.79 -26.31
CA HIS B 141 21.32 -18.96 -25.42
C HIS B 141 20.95 -19.25 -23.97
N ALA B 142 21.83 -19.99 -23.29
CA ALA B 142 21.61 -20.45 -21.93
C ALA B 142 21.39 -19.33 -20.90
N TYR B 143 20.49 -19.58 -19.98
CA TYR B 143 20.16 -18.64 -18.91
C TYR B 143 21.41 -18.25 -18.12
N TYR B 144 22.19 -19.24 -17.69
CA TYR B 144 23.39 -19.02 -16.89
C TYR B 144 24.69 -19.23 -17.68
N PHE B 145 25.76 -18.57 -17.26
CA PHE B 145 27.11 -18.86 -17.74
C PHE B 145 27.49 -20.29 -17.36
N LYS B 146 28.32 -20.92 -18.19
CA LYS B 146 28.77 -22.30 -18.00
C LYS B 146 29.46 -22.56 -16.66
N GLY B 147 30.36 -21.66 -16.29
CA GLY B 147 31.21 -21.85 -15.13
C GLY B 147 31.15 -20.68 -14.18
N ASP B 148 29.94 -20.14 -13.99
CA ASP B 148 29.78 -18.93 -13.19
C ASP B 148 28.38 -18.82 -12.62
N HIS B 149 28.25 -18.05 -11.54
CA HIS B 149 27.01 -17.88 -10.80
C HIS B 149 26.08 -16.78 -11.40
N HIS B 150 26.61 -15.92 -12.25
CA HIS B 150 25.75 -14.89 -12.84
C HIS B 150 24.91 -15.45 -13.98
N TRP B 151 23.72 -14.88 -14.18
CA TRP B 151 22.95 -15.17 -15.38
C TRP B 151 23.66 -14.46 -16.56
N THR B 152 23.47 -14.96 -17.78
CA THR B 152 23.90 -14.20 -18.95
C THR B 152 22.90 -13.06 -19.18
N PRO B 153 23.25 -12.09 -20.03
CA PRO B 153 22.26 -11.07 -20.40
C PRO B 153 20.98 -11.70 -20.91
N HIS B 154 21.07 -12.81 -21.62
CA HIS B 154 19.86 -13.47 -22.13
C HIS B 154 18.96 -13.99 -20.99
N GLY B 155 19.58 -14.55 -19.96
CA GLY B 155 18.83 -15.00 -18.79
C GLY B 155 18.17 -13.84 -18.05
N ALA B 156 18.93 -12.76 -17.88
CA ALA B 156 18.42 -11.55 -17.25
C ALA B 156 17.25 -11.01 -18.05
N ARG B 157 17.34 -11.12 -19.37
CA ARG B 157 16.26 -10.68 -20.25
C ARG B 157 14.99 -11.51 -20.04
N ARG B 158 15.12 -12.83 -20.07
CA ARG B 158 13.94 -13.68 -19.93
C ARG B 158 13.32 -13.53 -18.54
N SER B 159 14.15 -13.26 -17.54
CA SER B 159 13.63 -13.00 -16.19
C SER B 159 12.91 -11.65 -16.12
N ALA B 160 13.50 -10.66 -16.78
CA ALA B 160 12.96 -9.31 -16.76
C ALA B 160 11.57 -9.29 -17.37
N LYS B 161 11.37 -10.11 -18.39
CA LYS B 161 10.03 -10.21 -19.03
C LYS B 161 8.94 -10.54 -18.00
N ILE B 162 9.19 -11.60 -17.23
CA ILE B 162 8.26 -12.04 -16.19
C ILE B 162 8.09 -11.00 -15.07
N VAL B 163 9.21 -10.43 -14.63
CA VAL B 163 9.17 -9.41 -13.59
C VAL B 163 8.31 -8.22 -14.02
N ALA B 164 8.43 -7.82 -15.28
CA ALA B 164 7.65 -6.72 -15.85
C ALA B 164 6.16 -7.03 -15.81
N GLU B 165 5.80 -8.25 -16.23
CA GLU B 165 4.40 -8.67 -16.15
C GLU B 165 3.86 -8.55 -14.72
N THR B 166 4.72 -8.81 -13.73
CA THR B 166 4.32 -8.54 -12.35
C THR B 166 4.24 -7.04 -11.98
N LEU B 167 5.21 -6.25 -12.39
CA LEU B 167 5.19 -4.81 -12.10
C LEU B 167 3.89 -4.16 -12.60
N LYS B 168 3.40 -4.62 -13.75
CA LYS B 168 2.19 -4.05 -14.34
C LYS B 168 0.96 -4.12 -13.42
N GLN B 169 0.98 -5.05 -12.46
CA GLN B 169 -0.13 -5.29 -11.54
C GLN B 169 -0.02 -4.52 -10.23
N VAL B 170 1.12 -3.92 -9.99
CA VAL B 170 1.40 -3.36 -8.68
C VAL B 170 0.72 -2.01 -8.49
N PRO B 171 0.00 -1.83 -7.35
CA PRO B 171 -0.60 -0.56 -6.94
C PRO B 171 0.33 0.60 -7.15
N GLY B 172 -0.09 1.59 -7.93
CA GLY B 172 0.75 2.75 -8.16
C GLY B 172 1.45 2.75 -9.50
N PHE B 173 1.57 1.58 -10.13
CA PHE B 173 2.32 1.45 -11.38
C PHE B 173 1.72 2.32 -12.48
N GLU B 174 0.40 2.36 -12.55
CA GLU B 174 -0.31 2.97 -13.67
C GLU B 174 -0.02 4.46 -13.84
N GLU B 175 0.15 5.17 -12.74
CA GLU B 175 0.41 6.62 -12.78
C GLU B 175 1.86 6.99 -13.10
N ILE B 176 2.75 6.00 -13.15
CA ILE B 176 4.14 6.26 -13.48
C ILE B 176 4.27 6.57 -14.97
N PRO B 177 4.88 7.72 -15.30
CA PRO B 177 5.03 8.11 -16.71
C PRO B 177 5.80 7.07 -17.52
N LYS B 178 5.31 6.78 -18.72
CA LYS B 178 5.85 5.73 -19.56
C LYS B 178 6.59 6.24 -20.79
N LYS B 179 7.51 5.43 -21.28
CA LYS B 179 8.32 5.73 -22.46
C LYS B 179 8.51 4.43 -23.23
N GLN B 180 8.96 4.53 -24.47
CA GLN B 180 9.34 3.36 -25.23
C GLN B 180 10.86 3.14 -25.17
N PHE B 181 11.27 2.00 -24.62
CA PHE B 181 12.68 1.65 -24.58
C PHE B 181 13.00 0.58 -25.60
N GLU B 182 14.20 0.66 -26.17
CA GLU B 182 14.70 -0.38 -27.07
C GLU B 182 16.03 -0.89 -26.52
N SER B 183 16.24 -2.20 -26.64
CA SER B 183 17.54 -2.77 -26.28
C SER B 183 18.32 -3.19 -27.52
N LYS B 184 19.61 -2.92 -27.52
CA LYS B 184 20.47 -3.26 -28.66
C LYS B 184 21.69 -4.00 -28.14
N ARG B 185 22.21 -4.90 -28.97
CA ARG B 185 23.50 -5.50 -28.71
C ARG B 185 24.54 -4.47 -29.08
N VAL B 186 25.47 -4.21 -28.19
CA VAL B 186 26.44 -3.14 -28.43
C VAL B 186 27.86 -3.67 -28.46
N GLY B 187 28.00 -4.98 -28.27
CA GLY B 187 29.32 -5.59 -28.24
C GLY B 187 29.22 -6.94 -27.55
N LEU B 188 30.35 -7.48 -27.12
CA LEU B 188 30.35 -8.75 -26.41
C LEU B 188 30.78 -8.62 -24.98
N LEU B 189 30.26 -9.52 -24.14
CA LEU B 189 30.68 -9.62 -22.76
C LEU B 189 31.51 -10.89 -22.61
N SER B 190 32.76 -10.75 -22.15
CA SER B 190 33.60 -11.92 -21.90
C SER B 190 33.70 -12.17 -20.42
N LYS B 191 33.78 -13.45 -20.04
CA LYS B 191 33.91 -13.82 -18.64
C LYS B 191 34.64 -15.16 -18.49
N LEU B 192 35.70 -15.17 -17.69
CA LEU B 192 36.23 -16.43 -17.18
C LEU B 192 35.48 -16.67 -15.87
N GLY B 193 34.59 -17.64 -15.88
CA GLY B 193 33.69 -17.87 -14.76
C GLY B 193 34.36 -18.14 -13.41
N THR B 194 33.67 -17.79 -12.32
CA THR B 194 34.26 -18.03 -11.00
C THR B 194 34.40 -19.52 -10.71
N PHE B 195 33.50 -20.36 -11.24
CA PHE B 195 33.60 -21.80 -10.97
C PHE B 195 34.84 -22.30 -11.70
N HIS B 196 35.09 -21.76 -12.89
CA HIS B 196 36.25 -22.17 -13.69
C HIS B 196 37.55 -21.78 -13.01
N LYS B 197 37.57 -20.56 -12.46
CA LYS B 197 38.70 -20.11 -11.67
C LYS B 197 38.90 -20.95 -10.41
N ALA B 198 37.82 -21.29 -9.72
CA ALA B 198 37.92 -22.14 -8.52
C ALA B 198 38.49 -23.51 -8.87
N ALA B 199 38.05 -24.05 -10.01
CA ALA B 199 38.51 -25.35 -10.50
C ALA B 199 39.98 -25.27 -10.81
N ALA B 200 40.39 -24.19 -11.48
CA ALA B 200 41.78 -24.00 -11.82
C ALA B 200 42.60 -24.00 -10.54
N GLN B 201 42.07 -23.34 -9.52
CA GLN B 201 42.76 -23.27 -8.25
C GLN B 201 42.91 -24.65 -7.59
N LEU B 202 41.80 -25.39 -7.48
CA LEU B 202 41.81 -26.70 -6.83
C LEU B 202 42.56 -27.81 -7.57
N CYS B 203 42.48 -27.77 -8.89
CA CYS B 203 42.87 -28.89 -9.76
C CYS B 203 43.99 -28.54 -10.76
N GLY B 204 44.15 -27.24 -11.05
CA GLY B 204 45.19 -26.83 -11.98
C GLY B 204 44.83 -26.91 -13.46
N ASN B 205 43.58 -27.23 -13.77
CA ASN B 205 43.16 -27.26 -15.18
C ASN B 205 42.34 -26.06 -15.58
N SER B 206 42.50 -25.64 -16.83
CA SER B 206 42.00 -24.37 -17.30
C SER B 206 40.77 -24.61 -18.13
N TYR B 207 39.90 -23.62 -18.16
CA TYR B 207 38.69 -23.63 -18.96
C TYR B 207 38.66 -22.37 -19.82
N ALA B 208 37.97 -22.42 -20.95
CA ALA B 208 37.95 -21.28 -21.85
C ALA B 208 37.12 -20.12 -21.29
N THR B 209 37.59 -18.90 -21.53
CA THR B 209 36.78 -17.70 -21.36
C THR B 209 35.52 -17.81 -22.22
N GLN B 210 34.37 -17.45 -21.64
CA GLN B 210 33.10 -17.52 -22.37
C GLN B 210 32.69 -16.14 -22.90
N TYR B 211 32.11 -16.11 -24.11
CA TYR B 211 31.69 -14.85 -24.75
C TYR B 211 30.20 -14.87 -25.08
N VAL B 212 29.47 -13.87 -24.58
CA VAL B 212 28.05 -13.72 -24.86
C VAL B 212 27.76 -12.29 -25.30
N ASP B 213 26.56 -12.08 -25.86
CA ASP B 213 26.14 -10.76 -26.31
C ASP B 213 25.98 -9.78 -25.16
N ARG B 214 26.52 -8.56 -25.31
CA ARG B 214 26.28 -7.50 -24.33
C ARG B 214 25.23 -6.52 -24.84
N PHE B 215 24.32 -6.11 -23.94
CA PHE B 215 23.20 -5.23 -24.32
C PHE B 215 23.15 -3.91 -23.56
N GLU B 216 22.54 -2.92 -24.21
CA GLU B 216 22.22 -1.64 -23.58
C GLU B 216 20.84 -1.21 -24.03
N THR B 217 20.11 -0.53 -23.14
CA THR B 217 18.75 -0.10 -23.42
C THR B 217 18.64 1.43 -23.36
N GLU B 218 17.96 2.01 -24.35
CA GLU B 218 17.74 3.46 -24.40
C GLU B 218 16.33 3.77 -24.87
N PRO B 219 15.79 4.92 -24.42
CA PRO B 219 14.47 5.32 -24.92
C PRO B 219 14.60 5.72 -26.39
N VAL B 220 13.58 5.43 -27.19
CA VAL B 220 13.68 5.76 -28.60
C VAL B 220 12.47 6.58 -29.03
N GLY B 233 12.89 14.24 -15.22
CA GLY B 233 11.88 13.39 -14.61
C GLY B 233 12.50 12.15 -13.99
N ASN B 234 12.61 12.14 -12.66
CA ASN B 234 13.27 11.06 -11.93
C ASN B 234 12.49 9.74 -11.90
N PRO B 235 13.20 8.61 -11.83
CA PRO B 235 12.55 7.29 -11.74
C PRO B 235 11.72 7.11 -10.47
N GLN B 236 10.70 6.26 -10.54
CA GLN B 236 9.82 6.03 -9.40
C GLN B 236 9.74 4.54 -9.09
N ILE B 237 10.56 3.76 -9.79
CA ILE B 237 10.81 2.38 -9.45
C ILE B 237 12.31 2.25 -9.18
N ALA B 238 12.67 1.57 -8.10
CA ALA B 238 14.05 1.43 -7.72
C ALA B 238 14.41 -0.05 -7.65
N LEU B 239 15.62 -0.38 -8.12
CA LEU B 239 16.14 -1.73 -8.07
C LEU B 239 17.27 -1.79 -7.04
N VAL B 240 17.12 -2.68 -6.06
CA VAL B 240 18.23 -2.98 -5.17
C VAL B 240 18.62 -4.44 -5.39
N GLY B 241 19.93 -4.73 -5.37
CA GLY B 241 20.40 -6.06 -5.72
C GLY B 241 21.90 -6.30 -5.68
N THR B 242 22.30 -7.45 -6.20
CA THR B 242 23.69 -7.90 -6.22
C THR B 242 24.35 -7.55 -7.54
N SER B 243 25.52 -8.13 -7.81
CA SER B 243 26.19 -7.94 -9.09
C SER B 243 25.32 -8.44 -10.25
N ASN B 244 24.38 -9.34 -10.00
CA ASN B 244 23.44 -9.77 -11.06
C ASN B 244 22.61 -8.63 -11.62
N SER B 245 22.36 -7.61 -10.81
CA SER B 245 21.57 -6.47 -11.25
C SER B 245 22.45 -5.35 -11.78
N GLY B 246 23.76 -5.60 -11.78
CA GLY B 246 24.72 -4.65 -12.34
C GLY B 246 24.57 -4.49 -13.85
N PRO B 247 25.06 -3.37 -14.39
CA PRO B 247 24.86 -2.99 -15.79
C PRO B 247 25.44 -3.99 -16.80
N ALA B 248 26.38 -4.83 -16.37
CA ALA B 248 27.00 -5.77 -17.31
C ALA B 248 25.98 -6.75 -17.90
N TYR B 249 24.98 -7.12 -17.13
CA TYR B 249 23.97 -8.07 -17.58
C TYR B 249 22.66 -7.42 -18.00
N ASN B 250 22.57 -6.10 -17.82
CA ASN B 250 21.45 -5.27 -18.30
C ASN B 250 20.06 -5.63 -17.74
N PHE B 251 20.00 -6.19 -16.53
CA PHE B 251 18.72 -6.53 -15.92
C PHE B 251 17.81 -5.30 -15.85
N ALA B 252 18.35 -4.19 -15.36
CA ALA B 252 17.60 -2.95 -15.24
C ALA B 252 17.09 -2.47 -16.60
N GLY B 253 17.94 -2.56 -17.62
CA GLY B 253 17.60 -2.13 -18.96
C GLY B 253 16.44 -2.92 -19.54
N PHE B 254 16.49 -4.25 -19.42
CA PHE B 254 15.42 -5.11 -19.90
C PHE B 254 14.13 -4.85 -19.12
N LEU B 255 14.26 -4.58 -17.82
CA LEU B 255 13.11 -4.18 -17.00
C LEU B 255 12.44 -2.93 -17.56
N GLU B 256 13.27 -1.95 -17.96
CA GLU B 256 12.73 -0.76 -18.60
C GLU B 256 12.06 -1.09 -19.92
N GLU B 257 12.70 -1.96 -20.70
CA GLU B 257 12.16 -2.32 -22.00
C GLU B 257 10.77 -2.90 -21.87
N PHE B 258 10.62 -3.88 -20.99
CA PHE B 258 9.34 -4.58 -20.90
C PHE B 258 8.29 -3.90 -20.04
N SER B 259 8.68 -2.89 -19.25
CA SER B 259 7.72 -2.19 -18.40
C SER B 259 7.40 -0.76 -18.87
N GLY B 260 8.31 -0.14 -19.61
CA GLY B 260 8.11 1.23 -20.05
C GLY B 260 8.44 2.28 -19.00
N ALA B 261 8.93 1.84 -17.84
CA ALA B 261 9.28 2.77 -16.76
C ALA B 261 10.79 2.88 -16.51
N ASP B 262 11.26 4.08 -16.23
CA ASP B 262 12.61 4.31 -15.73
C ASP B 262 12.85 3.50 -14.46
N ILE B 263 14.03 2.89 -14.37
CA ILE B 263 14.43 2.12 -13.21
C ILE B 263 15.66 2.76 -12.61
N LEU B 264 15.59 3.09 -11.32
CA LEU B 264 16.78 3.58 -10.62
C LEU B 264 17.60 2.37 -10.16
N ASN B 265 18.78 2.17 -10.74
CA ASN B 265 19.62 1.03 -10.38
C ASN B 265 20.57 1.30 -9.20
N ASN B 266 20.30 0.69 -8.05
CA ASN B 266 21.19 0.82 -6.90
C ASN B 266 21.91 -0.48 -6.55
N ALA B 267 22.11 -1.32 -7.56
CA ALA B 267 22.69 -2.64 -7.34
C ALA B 267 24.12 -2.54 -6.81
N VAL B 268 24.48 -3.40 -5.88
CA VAL B 268 25.84 -3.43 -5.38
C VAL B 268 26.55 -4.75 -5.69
N SER B 269 27.61 -4.67 -6.48
CA SER B 269 28.44 -5.83 -6.79
C SER B 269 29.13 -6.25 -5.53
N GLY B 270 28.93 -7.51 -5.13
CA GLY B 270 29.47 -8.02 -3.89
C GLY B 270 28.56 -7.78 -2.71
N GLY B 271 27.44 -7.09 -2.93
CA GLY B 271 26.63 -6.64 -1.81
C GLY B 271 25.76 -7.69 -1.13
N GLY B 272 25.57 -8.79 -1.83
CA GLY B 272 24.72 -9.87 -1.34
C GLY B 272 23.28 -9.47 -1.01
N PHE B 273 22.75 -10.12 0.02
CA PHE B 273 21.38 -9.95 0.48
C PHE B 273 21.08 -8.51 0.92
N ASP B 274 21.99 -7.93 1.69
CA ASP B 274 21.68 -6.75 2.49
C ASP B 274 22.18 -5.39 1.97
N SER B 275 23.36 -5.37 1.35
CA SER B 275 24.08 -4.11 1.19
C SER B 275 23.36 -3.05 0.38
N SER B 276 22.85 -3.45 -0.79
CA SER B 276 22.22 -2.49 -1.69
C SER B 276 20.96 -1.86 -1.08
N LEU B 277 20.11 -2.69 -0.48
CA LEU B 277 18.87 -2.18 0.12
C LEU B 277 19.17 -1.26 1.32
N LEU B 278 19.97 -1.73 2.28
CA LEU B 278 20.33 -0.92 3.46
C LEU B 278 20.96 0.40 3.06
N ALA B 279 21.82 0.36 2.05
CA ALA B 279 22.49 1.58 1.60
C ALA B 279 21.49 2.55 0.99
N TYR B 280 20.62 2.03 0.14
CA TYR B 280 19.61 2.87 -0.50
C TYR B 280 18.71 3.52 0.57
N MET B 281 18.23 2.71 1.50
CA MET B 281 17.35 3.21 2.54
C MET B 281 18.08 4.09 3.54
N THR B 282 19.40 4.20 3.40
CA THR B 282 20.10 5.23 4.17
C THR B 282 20.23 6.57 3.42
N SER B 283 20.04 6.54 2.11
CA SER B 283 20.23 7.74 1.28
C SER B 283 19.16 8.80 1.54
N GLU B 284 19.54 10.07 1.46
CA GLU B 284 18.60 11.16 1.69
C GLU B 284 17.50 11.13 0.66
N GLU B 285 17.89 10.84 -0.57
CA GLU B 285 16.96 10.82 -1.69
C GLU B 285 15.83 9.83 -1.47
N PHE B 286 16.16 8.70 -0.84
CA PHE B 286 15.14 7.70 -0.57
C PHE B 286 14.02 8.24 0.33
N HIS B 287 14.39 9.01 1.34
CA HIS B 287 13.41 9.47 2.31
C HIS B 287 12.69 10.72 1.82
N LYS B 288 13.41 11.52 1.04
CA LYS B 288 12.84 12.69 0.37
C LYS B 288 11.81 12.32 -0.70
N ASN B 289 12.23 11.53 -1.69
CA ASN B 289 11.32 11.06 -2.73
C ASN B 289 11.33 9.54 -2.84
N PRO B 290 10.60 8.88 -1.94
CA PRO B 290 10.59 7.41 -1.94
C PRO B 290 9.98 6.88 -3.22
N PRO B 291 10.52 5.77 -3.74
CA PRO B 291 9.98 5.15 -4.96
C PRO B 291 8.61 4.60 -4.66
N LYS B 292 7.81 4.38 -5.70
CA LYS B 292 6.49 3.78 -5.52
C LYS B 292 6.64 2.27 -5.45
N ILE B 293 7.68 1.77 -6.12
CA ILE B 293 7.91 0.35 -6.23
C ILE B 293 9.39 0.06 -5.99
N LEU B 294 9.67 -0.95 -5.17
CA LEU B 294 11.03 -1.31 -4.78
C LEU B 294 11.24 -2.75 -5.17
N ILE B 295 12.16 -2.98 -6.12
CA ILE B 295 12.48 -4.31 -6.59
C ILE B 295 13.76 -4.80 -5.92
N TRP B 296 13.68 -5.95 -5.25
CA TRP B 296 14.79 -6.48 -4.45
C TRP B 296 15.24 -7.81 -5.03
N GLU B 297 16.45 -7.83 -5.58
CA GLU B 297 16.99 -9.03 -6.23
C GLU B 297 18.04 -9.73 -5.37
N PHE B 298 17.90 -11.03 -5.16
CA PHE B 298 18.91 -11.81 -4.44
C PHE B 298 18.68 -13.30 -4.70
N ALA B 299 19.66 -14.13 -4.33
CA ALA B 299 19.62 -15.55 -4.66
C ALA B 299 19.23 -16.38 -3.44
N THR B 300 19.17 -17.68 -3.64
CA THR B 300 18.54 -18.59 -2.67
C THR B 300 19.46 -19.13 -1.56
N HIS B 301 20.71 -18.70 -1.51
CA HIS B 301 21.60 -19.21 -0.47
C HIS B 301 21.75 -18.27 0.73
N TYR B 302 21.18 -17.08 0.64
CA TYR B 302 21.24 -16.13 1.76
C TYR B 302 20.28 -16.51 2.87
N ASP B 303 20.67 -16.20 4.10
CA ASP B 303 19.83 -16.44 5.27
C ASP B 303 18.84 -15.30 5.43
N MET B 304 17.59 -15.53 5.05
CA MET B 304 16.58 -14.45 5.06
C MET B 304 16.09 -14.09 6.45
N ALA B 305 16.50 -14.83 7.46
CA ALA B 305 16.03 -14.58 8.83
C ALA B 305 17.04 -13.82 9.67
N GLN B 306 18.14 -13.36 9.07
CA GLN B 306 19.22 -12.76 9.86
C GLN B 306 18.78 -11.49 10.60
N LYS B 307 18.90 -11.52 11.92
CA LYS B 307 18.33 -10.47 12.78
C LYS B 307 18.97 -9.08 12.65
N SER B 308 20.28 -9.03 12.48
CA SER B 308 20.97 -7.74 12.35
C SER B 308 20.49 -6.94 11.13
N PHE B 309 20.18 -7.66 10.05
CA PHE B 309 19.64 -7.03 8.85
C PHE B 309 18.34 -6.31 9.19
N TYR B 310 17.35 -7.03 9.70
CA TYR B 310 16.05 -6.42 9.98
C TYR B 310 16.16 -5.32 11.04
N ARG B 311 17.04 -5.52 12.01
CA ARG B 311 17.31 -4.49 13.02
C ARG B 311 17.83 -3.21 12.39
N GLN B 312 18.44 -3.30 11.21
CA GLN B 312 18.76 -2.08 10.46
C GLN B 312 17.64 -1.62 9.50
N ALA B 313 17.09 -2.55 8.72
CA ALA B 313 16.13 -2.20 7.67
C ALA B 313 14.85 -1.57 8.24
N MET B 314 14.36 -2.09 9.37
CA MET B 314 13.12 -1.57 9.94
C MET B 314 13.24 -0.08 10.28
N PRO B 315 14.19 0.29 11.17
CA PRO B 315 14.25 1.72 11.51
C PRO B 315 14.65 2.60 10.34
N LEU B 316 15.38 2.06 9.37
CA LEU B 316 15.82 2.88 8.23
C LEU B 316 14.64 3.30 7.34
N VAL B 317 13.57 2.51 7.32
CA VAL B 317 12.44 2.83 6.45
C VAL B 317 11.94 4.22 6.80
N ASP B 318 11.84 4.49 8.09
CA ASP B 318 11.39 5.78 8.62
C ASP B 318 12.57 6.73 8.90
N ASN B 319 13.73 6.42 8.33
CA ASN B 319 14.90 7.30 8.40
C ASN B 319 15.55 7.46 9.79
N GLY B 320 15.58 6.38 10.57
CA GLY B 320 16.29 6.40 11.84
C GLY B 320 15.75 7.39 12.87
N CYS B 321 16.64 8.21 13.42
CA CYS B 321 16.27 9.23 14.41
C CYS B 321 16.11 10.58 13.74
N SER B 322 16.28 10.60 12.41
CA SER B 322 16.39 11.85 11.68
C SER B 322 15.15 12.73 11.82
N GLY B 323 15.36 13.96 12.25
CA GLY B 323 14.27 14.90 12.46
C GLY B 323 13.35 14.47 13.58
N ARG B 324 13.90 13.74 14.55
CA ARG B 324 13.08 13.23 15.64
C ARG B 324 13.68 13.47 17.02
N LYS B 325 12.95 12.97 18.01
CA LYS B 325 13.21 13.14 19.43
C LYS B 325 14.42 12.36 19.92
N THR B 326 15.56 13.03 20.09
CA THR B 326 16.75 12.37 20.58
C THR B 326 16.93 12.52 22.09
N VAL B 327 16.69 11.43 22.81
CA VAL B 327 16.81 11.42 24.27
C VAL B 327 18.26 11.50 24.72
N LEU B 328 19.17 11.14 23.82
CA LEU B 328 20.60 11.24 24.06
C LEU B 328 21.29 11.47 22.73
N SER B 329 22.26 12.38 22.70
CA SER B 329 22.95 12.71 21.47
C SER B 329 24.31 13.31 21.78
N ARG B 330 25.34 12.92 21.04
CA ARG B 330 26.67 13.42 21.34
C ARG B 330 27.67 13.15 20.21
N LYS B 331 28.60 14.09 20.04
CA LYS B 331 29.70 13.93 19.08
C LYS B 331 30.98 13.69 19.86
N VAL B 332 31.80 12.73 19.42
CA VAL B 332 33.00 12.35 20.15
C VAL B 332 34.18 12.09 19.21
N LYS B 333 35.36 12.58 19.56
CA LYS B 333 36.57 12.21 18.82
C LYS B 333 37.05 10.84 19.28
N LEU B 334 37.17 9.92 18.33
CA LEU B 334 37.56 8.54 18.64
C LEU B 334 39.01 8.37 19.05
N ARG B 335 39.21 7.78 20.23
CA ARG B 335 40.51 7.34 20.68
C ARG B 335 40.68 5.89 20.24
N GLN B 336 41.86 5.32 20.45
CA GLN B 336 42.05 3.90 20.18
C GLN B 336 41.39 3.07 21.26
N GLY B 337 41.08 1.82 20.92
CA GLY B 337 40.37 0.93 21.83
C GLY B 337 38.92 1.33 22.04
N ARG B 338 38.47 1.16 23.28
CA ARG B 338 37.08 1.42 23.64
C ARG B 338 36.79 2.91 23.59
N ASN B 339 35.55 3.26 23.25
CA ASN B 339 35.11 4.64 23.27
C ASN B 339 33.68 4.74 23.77
N GLU B 340 33.50 5.48 24.85
CA GLU B 340 32.17 5.72 25.37
C GLU B 340 31.58 6.90 24.62
N VAL B 341 30.43 6.67 24.01
CA VAL B 341 29.84 7.66 23.13
C VAL B 341 28.54 8.18 23.70
N LEU B 342 27.64 7.27 24.06
CA LEU B 342 26.43 7.69 24.74
C LEU B 342 26.43 7.12 26.15
N LEU B 343 26.07 7.94 27.13
CA LEU B 343 25.99 7.47 28.51
C LEU B 343 24.76 8.04 29.21
N ASN B 344 23.84 7.16 29.54
CA ASN B 344 22.66 7.55 30.31
C ASN B 344 22.97 7.64 31.80
N SER B 345 23.81 8.60 32.18
CA SER B 345 24.29 8.73 33.55
C SER B 345 23.26 9.28 34.51
N ALA B 346 22.21 9.90 33.96
CA ALA B 346 21.10 10.44 34.74
C ALA B 346 20.02 9.38 34.88
N ALA B 347 20.26 8.23 34.27
CA ALA B 347 19.34 7.10 34.34
C ALA B 347 17.91 7.50 33.97
N LEU B 348 17.73 7.88 32.73
CA LEU B 348 16.41 8.17 32.19
C LEU B 348 15.80 6.85 31.73
N PRO B 349 14.46 6.76 31.76
CA PRO B 349 13.75 5.56 31.30
C PRO B 349 13.96 5.31 29.82
N ILE B 350 14.77 4.30 29.51
CA ILE B 350 15.04 3.94 28.11
C ILE B 350 14.95 2.42 27.97
N ARG B 351 13.79 1.93 27.54
CA ARG B 351 13.59 0.51 27.32
C ARG B 351 14.29 0.08 26.02
N SER B 352 15.08 -0.98 26.09
CA SER B 352 15.82 -1.47 24.93
C SER B 352 14.92 -1.63 23.71
N GLY B 353 13.86 -2.42 23.86
CA GLY B 353 12.93 -2.70 22.76
C GLY B 353 12.22 -1.51 22.13
N SER B 354 12.34 -0.33 22.75
CA SER B 354 11.59 0.84 22.28
C SER B 354 12.46 1.92 21.61
N TYR B 355 13.78 1.69 21.59
CA TYR B 355 14.71 2.71 21.11
C TYR B 355 15.60 2.31 19.93
N VAL B 356 16.05 3.32 19.20
CA VAL B 356 16.85 3.14 18.01
C VAL B 356 18.09 4.02 18.10
N ALA B 357 19.21 3.47 17.65
CA ALA B 357 20.47 4.19 17.54
C ALA B 357 20.73 4.66 16.11
N ASP B 358 21.24 5.87 15.99
CA ASP B 358 21.54 6.50 14.71
C ASP B 358 22.96 7.05 14.83
N VAL B 359 23.89 6.42 14.12
CA VAL B 359 25.32 6.68 14.31
C VAL B 359 26.05 7.03 13.01
N THR B 360 26.88 8.08 13.04
CA THR B 360 27.49 8.58 11.82
C THR B 360 28.95 8.90 12.03
N TYR B 361 29.81 8.18 11.33
CA TYR B 361 31.24 8.47 11.32
C TYR B 361 31.44 9.76 10.55
N SER B 362 32.51 10.47 10.87
CA SER B 362 32.84 11.70 10.16
C SER B 362 33.59 11.38 8.85
N ASP B 363 33.97 10.12 8.69
CA ASP B 363 34.65 9.65 7.48
C ASP B 363 33.82 8.56 6.83
N PRO B 364 33.30 8.82 5.62
CA PRO B 364 32.43 7.90 4.88
C PRO B 364 33.08 6.54 4.57
N SER B 365 34.40 6.43 4.73
CA SER B 365 35.10 5.23 4.32
C SER B 365 35.25 4.15 5.42
N VAL B 366 34.73 4.39 6.61
CA VAL B 366 34.77 3.37 7.65
C VAL B 366 33.59 2.41 7.52
N HIS B 367 33.88 1.16 7.14
CA HIS B 367 32.81 0.22 6.77
C HIS B 367 32.50 -0.82 7.82
N GLU B 368 32.82 -0.51 9.07
CA GLU B 368 32.55 -1.41 10.17
C GLU B 368 32.14 -0.60 11.39
N LEU B 369 31.10 -1.04 12.08
CA LEU B 369 30.69 -0.39 13.31
C LEU B 369 30.66 -1.41 14.43
N LYS B 370 31.57 -1.27 15.38
CA LYS B 370 31.64 -2.20 16.49
C LYS B 370 31.03 -1.60 17.74
N ASN B 371 29.77 -1.95 17.97
CA ASN B 371 28.99 -1.43 19.07
C ASN B 371 29.01 -2.36 20.26
N THR B 372 29.23 -1.80 21.44
CA THR B 372 28.92 -2.49 22.69
C THR B 372 27.80 -1.69 23.39
N ILE B 373 26.67 -2.34 23.63
CA ILE B 373 25.56 -1.70 24.31
C ILE B 373 25.42 -2.24 25.74
N TRP B 374 25.72 -1.37 26.71
CA TRP B 374 25.60 -1.71 28.12
C TRP B 374 24.21 -1.37 28.70
N TYR B 375 23.74 -2.25 29.58
CA TYR B 375 22.46 -2.07 30.27
C TYR B 375 22.62 -1.93 31.78
N MET B 376 21.61 -1.35 32.42
CA MET B 376 21.66 -1.04 33.85
C MET B 376 21.98 -2.24 34.75
N ASN B 377 21.64 -3.43 34.28
CA ASN B 377 21.83 -4.64 35.08
C ASN B 377 23.18 -5.32 34.89
N GLY B 378 24.06 -4.71 34.10
CA GLY B 378 25.40 -5.25 33.92
C GLY B 378 25.56 -6.11 32.67
N ARG B 379 24.46 -6.35 31.97
CA ARG B 379 24.50 -7.11 30.72
C ARG B 379 24.93 -6.21 29.58
N ARG B 380 25.54 -6.81 28.56
CA ARG B 380 26.00 -6.09 27.38
C ARG B 380 25.68 -6.86 26.11
N GLU B 381 25.34 -6.14 25.05
CA GLU B 381 25.27 -6.76 23.74
C GLU B 381 26.44 -6.28 22.93
N GLN B 382 27.12 -7.20 22.26
CA GLN B 382 28.14 -6.81 21.30
C GLN B 382 27.57 -6.99 19.90
N LEU B 383 27.37 -5.88 19.20
CA LEU B 383 26.82 -5.88 17.86
C LEU B 383 27.80 -5.26 16.88
N LYS B 384 28.34 -6.10 16.00
CA LYS B 384 29.25 -5.63 14.97
C LYS B 384 28.52 -5.60 13.64
N ILE B 385 28.53 -4.45 12.99
CA ILE B 385 27.90 -4.31 11.68
C ILE B 385 28.97 -4.14 10.64
N GLU B 386 28.93 -4.97 9.60
CA GLU B 386 29.93 -4.94 8.55
C GLU B 386 29.28 -4.37 7.28
N GLN B 387 29.90 -3.34 6.73
CA GLN B 387 29.33 -2.68 5.56
C GLN B 387 30.16 -2.97 4.33
N SER B 388 29.47 -3.24 3.20
CA SER B 388 30.16 -3.42 1.94
C SER B 388 31.10 -2.26 1.66
N LYS B 389 32.30 -2.57 1.17
CA LYS B 389 33.25 -1.52 0.82
C LYS B 389 32.83 -0.80 -0.46
N ALA B 390 31.81 -1.34 -1.12
CA ALA B 390 31.36 -0.78 -2.38
C ALA B 390 30.12 0.09 -2.22
N VAL B 391 29.81 0.53 -1.00
CA VAL B 391 28.73 1.50 -0.82
C VAL B 391 29.21 2.77 -0.13
N ASP B 392 28.35 3.79 -0.13
CA ASP B 392 28.65 5.03 0.59
C ASP B 392 27.38 5.52 1.25
N THR B 393 27.34 5.42 2.59
CA THR B 393 26.15 5.85 3.31
C THR B 393 26.44 7.09 4.15
N GLY B 394 27.41 7.88 3.70
CA GLY B 394 27.82 9.05 4.46
C GLY B 394 28.43 8.68 5.81
N GLY B 395 28.79 7.40 5.99
CA GLY B 395 29.33 6.92 7.24
C GLY B 395 28.24 6.65 8.26
N ARG B 396 27.01 6.46 7.78
CA ARG B 396 25.84 6.34 8.65
C ARG B 396 25.29 4.92 8.78
N TYR B 397 24.93 4.57 10.02
CA TYR B 397 24.39 3.27 10.39
C TYR B 397 23.18 3.53 11.30
N VAL B 398 22.15 2.70 11.20
CA VAL B 398 20.99 2.82 12.05
C VAL B 398 20.56 1.45 12.52
N PHE B 399 20.34 1.28 13.83
CA PHE B 399 19.88 -0.03 14.31
C PHE B 399 18.96 0.02 15.53
N GLN B 400 18.00 -0.90 15.57
CA GLN B 400 17.15 -1.06 16.73
C GLN B 400 18.00 -1.62 17.87
N LEU B 401 17.76 -1.16 19.09
CA LEU B 401 18.36 -1.80 20.25
C LEU B 401 17.72 -3.17 20.38
N ARG B 402 18.41 -4.12 21.01
CA ARG B 402 17.92 -5.49 21.07
C ARG B 402 16.49 -5.59 21.64
N ASN B 403 15.62 -6.29 20.92
CA ASN B 403 14.26 -6.52 21.36
C ASN B 403 13.92 -8.02 21.45
N ASP B 404 14.89 -8.81 21.92
CA ASP B 404 14.80 -10.26 21.90
C ASP B 404 14.29 -10.88 23.21
N SER B 405 13.03 -10.63 23.54
CA SER B 405 12.35 -11.35 24.61
C SER B 405 12.95 -11.16 26.01
N ASP B 406 14.13 -11.73 26.26
CA ASP B 406 14.80 -11.55 27.55
C ASP B 406 15.50 -10.19 27.63
N TRP B 407 15.58 -9.50 26.49
CA TRP B 407 16.36 -8.27 26.39
C TRP B 407 15.49 -7.03 26.22
N ALA B 408 14.34 -7.20 25.57
CA ALA B 408 13.46 -6.08 25.22
C ALA B 408 13.12 -5.10 26.35
N ASP B 409 13.21 -5.56 27.60
CA ASP B 409 12.82 -4.75 28.74
C ASP B 409 13.99 -4.18 29.53
N GLN B 410 15.21 -4.41 29.04
CA GLN B 410 16.40 -3.92 29.74
C GLN B 410 16.53 -2.41 29.61
N GLN B 411 17.04 -1.76 30.66
CA GLN B 411 17.24 -0.33 30.63
C GLN B 411 18.63 0.03 30.09
N PHE B 412 18.63 0.77 28.98
CA PHE B 412 19.84 1.25 28.33
C PHE B 412 20.74 2.04 29.29
N LEU B 413 22.02 1.68 29.32
CA LEU B 413 23.00 2.41 30.12
C LEU B 413 24.01 3.17 29.25
N SER B 414 24.61 2.50 28.28
CA SER B 414 25.58 3.20 27.43
C SER B 414 25.79 2.57 26.06
N LEU B 415 26.21 3.41 25.11
CA LEU B 415 26.71 2.96 23.81
C LEU B 415 28.19 3.26 23.73
N GLU B 416 28.95 2.18 23.52
CA GLU B 416 30.39 2.24 23.36
C GLU B 416 30.71 1.83 21.94
N ILE B 417 31.75 2.44 21.39
CA ILE B 417 32.16 2.12 20.03
C ILE B 417 33.65 1.81 20.02
N GLU B 418 34.02 0.67 19.43
CA GLU B 418 35.43 0.33 19.34
C GLU B 418 36.05 0.91 18.06
N ALA B 419 37.25 1.47 18.21
CA ALA B 419 37.98 2.06 17.09
C ALA B 419 38.25 1.04 16.00
N PRO B 420 38.22 1.48 14.73
CA PRO B 420 38.52 0.64 13.58
C PRO B 420 40.01 0.66 13.23
N ASP B 422 42.44 -0.37 11.52
CA ASP B 422 43.08 0.88 11.13
C ASP B 422 42.08 2.02 11.07
N MET B 423 42.36 3.09 11.80
CA MET B 423 41.43 4.20 11.91
C MET B 423 42.01 5.50 11.35
N PRO B 424 41.25 6.15 10.45
CA PRO B 424 41.57 7.48 9.93
C PRO B 424 41.91 8.47 11.05
N GLN B 425 42.95 9.27 10.87
CA GLN B 425 43.34 10.24 11.87
C GLN B 425 42.28 11.32 12.04
N GLY B 426 41.83 11.52 13.27
CA GLY B 426 40.86 12.55 13.57
C GLY B 426 39.43 12.05 13.60
N LEU B 427 39.24 10.78 13.25
CA LEU B 427 37.91 10.17 13.13
C LEU B 427 36.94 10.51 14.27
N GLU B 428 35.89 11.25 13.94
CA GLU B 428 34.85 11.55 14.92
C GLU B 428 33.64 10.65 14.68
N VAL B 429 32.78 10.53 15.70
CA VAL B 429 31.47 9.92 15.52
C VAL B 429 30.43 10.82 16.11
N GLN B 430 29.22 10.68 15.59
CA GLN B 430 28.08 11.43 16.08
C GLN B 430 26.98 10.40 16.29
N ALA B 431 26.50 10.29 17.52
CA ALA B 431 25.50 9.27 17.80
C ALA B 431 24.27 9.83 18.50
N SER B 432 23.13 9.18 18.24
CA SER B 432 21.89 9.53 18.92
C SER B 432 21.03 8.31 19.22
N ILE B 433 20.19 8.44 20.24
CA ILE B 433 19.19 7.44 20.57
C ILE B 433 17.82 8.11 20.53
N CYS B 434 16.85 7.49 19.88
CA CYS B 434 15.50 8.05 19.81
C CYS B 434 14.45 6.96 20.02
N GLN B 435 13.26 7.36 20.41
CA GLN B 435 12.17 6.41 20.58
C GLN B 435 11.72 5.94 19.21
N ALA B 436 11.26 4.70 19.12
CA ALA B 436 11.00 4.08 17.83
C ALA B 436 9.64 4.47 17.26
N ALA B 437 9.55 4.53 15.94
CA ALA B 437 8.28 4.82 15.25
C ALA B 437 7.27 3.70 15.52
#